data_4XFP
#
_entry.id   4XFP
#
_cell.length_a   134.135
_cell.length_b   145.195
_cell.length_c   71.141
_cell.angle_alpha   90.000
_cell.angle_beta   90.000
_cell.angle_gamma   90.000
#
_symmetry.space_group_name_H-M   'P 21 21 2'
#
loop_
_entity.id
_entity.type
_entity.pdbx_description
1 polymer 'Urate oxidase'
2 non-polymer 8-AZAXANTHINE
3 non-polymer 'CHLORIDE ION'
4 non-polymer 'SULFATE ION'
5 water water
#
_entity_poly.entity_id   1
_entity_poly.type   'polypeptide(L)'
_entity_poly.pdbx_seq_one_letter_code
;VMYYGKGDVFAYRTYLKPLTGVRTIPESPFSGRDHILFGVNVKISVGGTKLLTSFTKGDNSLVVATDSMKNFIQKHLASY
TGTTIEGFLEYVATSFLKKYSHIEKISLIGEEIPFETTFAVKNGNRAASELVFKKSRNEYATAYLNMVRNEDNTLNITEQ
QSGLAGLQLIKVSGNSFVGFIRDEYTTLPEDSNRPLFVYLNIKWKYKNTEDSFGTNPENYVAAEQIRDIATSVFHETETL
SIQHLIYLIGRRILERFPQLQEVYFESQNHTWDKIVEEIGESEGKVYTEPRPPYGFQCFTVTQEDLPHENILMFSDE
;
_entity_poly.pdbx_strand_id   A,B,C,D
#
loop_
_chem_comp.id
_chem_comp.type
_chem_comp.name
_chem_comp.formula
AZA non-polymer 8-AZAXANTHINE 'C4 H3 N5 O2'
CL non-polymer 'CHLORIDE ION' 'Cl -1'
SO4 non-polymer 'SULFATE ION' 'O4 S -2'
#
# COMPACT_ATOMS: atom_id res chain seq x y z
N VAL A 1 22.39 -16.70 -12.58
CA VAL A 1 21.23 -17.13 -11.82
C VAL A 1 20.22 -17.79 -12.75
N MET A 2 19.60 -18.87 -12.31
CA MET A 2 18.54 -19.51 -13.08
C MET A 2 17.58 -20.22 -12.12
N TYR A 3 16.48 -19.56 -11.83
CA TYR A 3 15.45 -20.09 -10.93
C TYR A 3 14.08 -19.68 -11.44
N TYR A 4 13.05 -20.39 -11.01
CA TYR A 4 11.69 -19.90 -11.17
C TYR A 4 10.82 -20.49 -10.08
N GLY A 5 9.61 -19.98 -9.96
CA GLY A 5 8.72 -20.47 -8.92
C GLY A 5 7.45 -19.69 -8.76
N LYS A 6 6.91 -19.74 -7.54
CA LYS A 6 5.60 -19.17 -7.24
C LYS A 6 5.66 -18.40 -5.93
N GLY A 7 5.12 -17.18 -5.95
CA GLY A 7 5.03 -16.34 -4.76
C GLY A 7 3.60 -16.11 -4.34
N ASP A 8 3.43 -15.70 -3.08
CA ASP A 8 2.14 -15.40 -2.51
C ASP A 8 1.19 -16.61 -2.59
N VAL A 9 1.73 -17.77 -2.29
CA VAL A 9 0.88 -18.96 -2.16
C VAL A 9 0.32 -18.93 -0.77
N PHE A 10 -0.86 -18.32 -0.63
CA PHE A 10 -1.56 -18.31 0.65
C PHE A 10 -2.26 -19.64 0.82
N ALA A 11 -2.21 -20.15 2.03
CA ALA A 11 -2.87 -21.41 2.34
C ALA A 11 -3.28 -21.39 3.80
N TYR A 12 -4.53 -21.76 4.05
CA TYR A 12 -5.09 -21.72 5.39
C TYR A 12 -5.58 -23.12 5.73
N ARG A 13 -5.06 -23.65 6.82
CA ARG A 13 -5.40 -24.99 7.28
C ARG A 13 -6.13 -24.88 8.61
N THR A 14 -7.20 -25.64 8.78
CA THR A 14 -7.85 -25.71 10.08
C THR A 14 -7.40 -26.97 10.81
N TYR A 15 -7.32 -26.87 12.14
CA TYR A 15 -7.03 -28.01 13.01
C TYR A 15 -5.76 -28.75 12.62
N LEU A 16 -4.66 -28.00 12.57
CA LEU A 16 -3.34 -28.60 12.46
C LEU A 16 -3.05 -29.22 13.82
N LYS A 17 -2.15 -30.21 13.85
CA LYS A 17 -1.74 -30.80 15.11
C LYS A 17 -1.24 -29.69 16.04
N PRO A 18 -1.75 -29.62 17.28
CA PRO A 18 -1.29 -28.54 18.18
C PRO A 18 0.20 -28.62 18.51
N LEU A 19 0.84 -27.47 18.63
CA LEU A 19 2.18 -27.39 19.17
C LEU A 19 2.08 -27.33 20.69
N THR A 20 2.65 -28.35 21.33
N THR A 20 2.64 -28.34 21.35
CA THR A 20 2.62 -28.51 22.78
CA THR A 20 2.64 -28.37 22.81
C THR A 20 4.00 -28.87 23.31
C THR A 20 3.98 -28.88 23.32
N GLY A 21 4.21 -28.71 24.62
CA GLY A 21 5.44 -29.16 25.25
C GLY A 21 6.62 -28.23 25.04
N VAL A 22 6.36 -27.00 24.63
CA VAL A 22 7.44 -26.04 24.46
C VAL A 22 7.89 -25.54 25.82
N ARG A 23 9.20 -25.44 25.98
CA ARG A 23 9.78 -24.99 27.23
C ARG A 23 9.47 -23.52 27.47
N THR A 24 8.83 -23.22 28.60
CA THR A 24 8.48 -21.83 28.90
C THR A 24 9.66 -21.10 29.51
N ILE A 25 9.73 -19.81 29.25
CA ILE A 25 10.77 -18.94 29.82
C ILE A 25 10.08 -17.85 30.63
N PRO A 26 10.84 -17.18 31.53
CA PRO A 26 10.21 -16.17 32.39
C PRO A 26 9.64 -14.97 31.64
N GLU A 27 10.23 -14.61 30.51
CA GLU A 27 9.77 -13.44 29.76
C GLU A 27 8.42 -13.65 29.08
N SER A 28 7.99 -14.90 28.89
CA SER A 28 6.83 -15.17 28.04
C SER A 28 5.84 -16.19 28.59
N PRO A 29 4.53 -15.95 28.41
CA PRO A 29 3.54 -16.94 28.82
C PRO A 29 3.37 -18.07 27.81
N PHE A 30 4.12 -18.00 26.70
CA PHE A 30 3.93 -18.95 25.61
C PHE A 30 4.21 -20.39 26.05
N SER A 31 3.28 -21.29 25.75
CA SER A 31 3.46 -22.71 26.03
C SER A 31 3.00 -23.59 24.86
N GLY A 32 2.72 -22.97 23.72
CA GLY A 32 2.29 -23.71 22.54
C GLY A 32 1.28 -22.96 21.68
N ARG A 33 0.81 -23.65 20.64
CA ARG A 33 -0.16 -23.10 19.69
C ARG A 33 -1.30 -24.10 19.49
N ASP A 34 -2.54 -23.62 19.62
CA ASP A 34 -3.73 -24.47 19.49
C ASP A 34 -3.95 -24.93 18.05
N HIS A 35 -3.57 -24.09 17.09
CA HIS A 35 -3.65 -24.40 15.66
C HIS A 35 -5.05 -24.74 15.16
N ILE A 36 -6.08 -24.14 15.76
CA ILE A 36 -7.42 -24.24 15.21
C ILE A 36 -7.41 -23.63 13.81
N LEU A 37 -6.66 -22.54 13.68
CA LEU A 37 -6.48 -21.88 12.39
C LEU A 37 -4.99 -21.66 12.17
N PHE A 38 -4.50 -22.09 11.01
CA PHE A 38 -3.07 -22.07 10.69
C PHE A 38 -2.89 -21.55 9.27
N GLY A 39 -2.40 -20.32 9.16
CA GLY A 39 -2.25 -19.68 7.86
C GLY A 39 -0.79 -19.44 7.51
N VAL A 40 -0.44 -19.70 6.25
CA VAL A 40 0.93 -19.50 5.79
C VAL A 40 0.93 -18.88 4.39
N ASN A 41 1.86 -17.96 4.17
CA ASN A 41 2.15 -17.42 2.84
C ASN A 41 3.49 -17.96 2.40
N VAL A 42 3.47 -18.80 1.36
CA VAL A 42 4.66 -19.52 0.91
C VAL A 42 5.18 -19.01 -0.43
N LYS A 43 6.49 -18.90 -0.52
CA LYS A 43 7.19 -18.63 -1.77
C LYS A 43 8.12 -19.81 -2.06
N ILE A 44 8.03 -20.37 -3.26
CA ILE A 44 8.85 -21.52 -3.66
C ILE A 44 9.68 -21.11 -4.86
N SER A 45 10.98 -21.39 -4.79
CA SER A 45 11.92 -21.17 -5.89
C SER A 45 12.64 -22.47 -6.18
N VAL A 46 12.75 -22.86 -7.44
CA VAL A 46 13.47 -24.10 -7.77
C VAL A 46 14.48 -23.86 -8.88
N GLY A 47 15.53 -24.68 -8.88
CA GLY A 47 16.60 -24.58 -9.85
C GLY A 47 17.16 -25.93 -10.24
N GLY A 48 17.95 -25.94 -11.30
CA GLY A 48 18.59 -27.14 -11.78
C GLY A 48 19.10 -26.93 -13.19
N THR A 49 20.23 -27.55 -13.53
CA THR A 49 20.84 -27.34 -14.83
C THR A 49 19.89 -27.74 -15.95
N LYS A 50 19.04 -28.73 -15.69
CA LYS A 50 18.16 -29.25 -16.73
C LYS A 50 17.04 -28.27 -17.11
N LEU A 51 16.92 -27.16 -16.38
CA LEU A 51 15.95 -26.12 -16.72
C LEU A 51 16.44 -25.19 -17.82
N LEU A 52 17.70 -25.34 -18.23
CA LEU A 52 18.31 -24.38 -19.17
C LEU A 52 17.50 -24.17 -20.44
N THR A 53 17.08 -25.24 -21.10
CA THR A 53 16.44 -25.09 -22.40
C THR A 53 15.02 -24.51 -22.28
N SER A 54 14.45 -24.49 -21.09
CA SER A 54 13.16 -23.81 -20.92
C SER A 54 13.36 -22.32 -21.17
N PHE A 55 14.56 -21.83 -20.87
CA PHE A 55 14.90 -20.43 -21.17
C PHE A 55 15.46 -20.24 -22.56
N THR A 56 16.46 -21.04 -22.93
CA THR A 56 17.22 -20.78 -24.15
C THR A 56 16.51 -21.23 -25.44
N LYS A 57 15.57 -22.16 -25.32
CA LYS A 57 14.89 -22.73 -26.49
C LYS A 57 13.37 -22.66 -26.40
N GLY A 58 12.83 -22.26 -25.25
CA GLY A 58 11.39 -22.23 -25.08
C GLY A 58 10.80 -23.62 -24.98
N ASP A 59 11.60 -24.56 -24.49
CA ASP A 59 11.18 -25.95 -24.31
C ASP A 59 10.54 -26.14 -22.95
N ASN A 60 9.25 -26.48 -22.93
CA ASN A 60 8.53 -26.60 -21.68
C ASN A 60 8.44 -28.03 -21.14
N SER A 61 9.10 -28.97 -21.82
CA SER A 61 9.07 -30.39 -21.46
C SER A 61 9.36 -30.68 -19.98
N LEU A 62 10.32 -29.95 -19.41
CA LEU A 62 10.73 -30.16 -18.02
C LEU A 62 10.28 -29.02 -17.14
N VAL A 63 9.25 -28.30 -17.57
CA VAL A 63 8.69 -27.24 -16.75
C VAL A 63 7.49 -27.74 -15.94
N VAL A 64 7.69 -27.85 -14.63
CA VAL A 64 6.59 -27.92 -13.68
C VAL A 64 5.93 -26.54 -13.68
N ALA A 65 4.65 -26.48 -14.05
CA ALA A 65 3.99 -25.19 -14.11
C ALA A 65 4.01 -24.57 -12.71
N THR A 66 4.19 -23.26 -12.63
CA THR A 66 4.22 -22.61 -11.34
C THR A 66 2.85 -22.80 -10.67
N ASP A 67 1.78 -22.86 -11.47
CA ASP A 67 0.45 -23.21 -10.96
C ASP A 67 0.43 -24.58 -10.28
N SER A 68 1.15 -25.54 -10.85
CA SER A 68 1.27 -26.85 -10.24
C SER A 68 2.04 -26.82 -8.92
N MET A 69 3.03 -25.94 -8.81
CA MET A 69 3.76 -25.79 -7.55
C MET A 69 2.82 -25.27 -6.46
N LYS A 70 1.94 -24.36 -6.84
CA LYS A 70 0.89 -23.88 -5.94
C LYS A 70 0.01 -25.04 -5.48
N ASN A 71 -0.42 -25.89 -6.42
CA ASN A 71 -1.22 -27.05 -6.08
C ASN A 71 -0.47 -27.96 -5.13
N PHE A 72 0.83 -28.15 -5.40
CA PHE A 72 1.69 -29.00 -4.59
C PHE A 72 1.74 -28.52 -3.14
N ILE A 73 2.01 -27.22 -2.95
CA ILE A 73 2.08 -26.63 -1.63
C ILE A 73 0.74 -26.78 -0.88
N GLN A 74 -0.37 -26.48 -1.56
CA GLN A 74 -1.67 -26.50 -0.89
C GLN A 74 -2.08 -27.93 -0.53
N LYS A 75 -1.85 -28.89 -1.42
CA LYS A 75 -2.11 -30.29 -1.10
C LYS A 75 -1.25 -30.78 0.06
N HIS A 76 -0.01 -30.32 0.15
CA HIS A 76 0.85 -30.81 1.23
C HIS A 76 0.50 -30.16 2.56
N LEU A 77 -0.06 -28.95 2.54
CA LEU A 77 -0.54 -28.39 3.79
C LEU A 77 -1.70 -29.26 4.30
N ALA A 78 -2.49 -29.81 3.40
CA ALA A 78 -3.62 -30.64 3.79
C ALA A 78 -3.17 -31.93 4.46
N SER A 79 -2.03 -32.46 4.03
CA SER A 79 -1.55 -33.74 4.53
C SER A 79 -0.46 -33.60 5.60
N TYR A 80 0.01 -32.39 5.84
CA TYR A 80 1.06 -32.17 6.85
C TYR A 80 0.61 -32.58 8.26
N THR A 81 1.42 -33.39 8.92
CA THR A 81 1.09 -33.94 10.24
C THR A 81 1.94 -33.33 11.35
N GLY A 82 2.76 -32.35 11.00
CA GLY A 82 3.60 -31.66 11.97
C GLY A 82 2.97 -30.43 12.59
N THR A 83 3.81 -29.62 13.23
CA THR A 83 3.33 -28.60 14.17
C THR A 83 3.97 -27.21 13.99
N THR A 84 4.80 -27.03 12.97
CA THR A 84 5.47 -25.73 12.76
C THR A 84 5.59 -25.36 11.29
N ILE A 85 5.74 -24.07 11.02
CA ILE A 85 6.01 -23.63 9.65
C ILE A 85 7.35 -24.19 9.17
N GLU A 86 8.34 -24.20 10.05
CA GLU A 86 9.67 -24.74 9.71
C GLU A 86 9.56 -26.19 9.24
N GLY A 87 8.80 -26.99 9.99
CA GLY A 87 8.61 -28.39 9.63
C GLY A 87 7.82 -28.55 8.35
N PHE A 88 6.85 -27.67 8.13
CA PHE A 88 6.07 -27.72 6.90
C PHE A 88 6.97 -27.45 5.70
N LEU A 89 7.90 -26.51 5.82
CA LEU A 89 8.80 -26.23 4.69
C LEU A 89 9.66 -27.46 4.38
N GLU A 90 10.11 -28.16 5.42
CA GLU A 90 10.92 -29.35 5.21
C GLU A 90 10.11 -30.43 4.51
N TYR A 91 8.85 -30.56 4.91
CA TYR A 91 7.95 -31.54 4.32
C TYR A 91 7.74 -31.25 2.84
N VAL A 92 7.47 -30.00 2.52
CA VAL A 92 7.29 -29.60 1.12
C VAL A 92 8.57 -29.83 0.31
N ALA A 93 9.71 -29.42 0.87
CA ALA A 93 10.97 -29.48 0.11
C ALA A 93 11.38 -30.91 -0.18
N THR A 94 11.36 -31.76 0.83
CA THR A 94 11.75 -33.15 0.66
C THR A 94 10.83 -33.82 -0.35
N SER A 95 9.54 -33.54 -0.21
N SER A 95 9.54 -33.55 -0.24
CA SER A 95 8.52 -34.14 -1.07
CA SER A 95 8.56 -34.19 -1.11
C SER A 95 8.71 -33.72 -2.53
C SER A 95 8.73 -33.73 -2.56
N PHE A 96 8.99 -32.44 -2.74
CA PHE A 96 9.14 -31.90 -4.08
C PHE A 96 10.38 -32.48 -4.76
N LEU A 97 11.49 -32.56 -4.03
CA LEU A 97 12.71 -33.11 -4.62
C LEU A 97 12.55 -34.62 -4.89
N LYS A 98 11.80 -35.32 -4.05
CA LYS A 98 11.54 -36.73 -4.28
C LYS A 98 10.72 -36.92 -5.56
N LYS A 99 9.78 -36.01 -5.80
CA LYS A 99 8.89 -36.11 -6.95
C LYS A 99 9.58 -35.77 -8.26
N TYR A 100 10.38 -34.71 -8.24
CA TYR A 100 10.94 -34.14 -9.46
C TYR A 100 12.47 -34.24 -9.49
N SER A 101 12.96 -35.30 -10.13
CA SER A 101 14.37 -35.65 -10.12
C SER A 101 15.24 -34.66 -10.88
N HIS A 102 14.63 -33.88 -11.78
CA HIS A 102 15.38 -32.91 -12.57
C HIS A 102 15.66 -31.60 -11.81
N ILE A 103 15.08 -31.48 -10.61
CA ILE A 103 15.27 -30.30 -9.79
C ILE A 103 16.40 -30.56 -8.80
N GLU A 104 17.37 -29.65 -8.75
CA GLU A 104 18.57 -29.85 -7.94
C GLU A 104 18.57 -28.98 -6.67
N LYS A 105 17.69 -27.99 -6.63
CA LYS A 105 17.65 -27.10 -5.47
C LYS A 105 16.28 -26.48 -5.32
N ILE A 106 15.87 -26.33 -4.07
CA ILE A 106 14.59 -25.71 -3.76
C ILE A 106 14.79 -24.76 -2.59
N SER A 107 14.20 -23.58 -2.71
N SER A 107 14.25 -23.55 -2.72
CA SER A 107 14.26 -22.54 -1.67
CA SER A 107 14.24 -22.57 -1.65
C SER A 107 12.84 -22.15 -1.27
C SER A 107 12.80 -22.28 -1.28
N LEU A 108 12.54 -22.22 0.02
CA LEU A 108 11.21 -21.94 0.51
C LEU A 108 11.24 -20.84 1.55
N ILE A 109 10.28 -19.92 1.42
CA ILE A 109 10.00 -18.93 2.45
C ILE A 109 8.57 -19.14 2.91
N GLY A 110 8.36 -19.20 4.21
CA GLY A 110 7.02 -19.29 4.77
C GLY A 110 6.81 -18.16 5.76
N GLU A 111 5.74 -17.41 5.57
CA GLU A 111 5.39 -16.34 6.50
C GLU A 111 4.05 -16.67 7.13
N GLU A 112 4.05 -16.69 8.45
CA GLU A 112 2.81 -16.84 9.19
C GLU A 112 1.80 -15.76 8.83
N ILE A 113 0.54 -16.16 8.69
N ILE A 113 0.55 -16.18 8.64
CA ILE A 113 -0.56 -15.21 8.61
CA ILE A 113 -0.56 -15.25 8.61
C ILE A 113 -1.28 -15.26 9.95
C ILE A 113 -1.22 -15.32 9.99
N PRO A 114 -0.94 -14.35 10.87
CA PRO A 114 -1.39 -14.49 12.26
C PRO A 114 -2.85 -14.16 12.53
N PHE A 115 -3.45 -14.94 13.41
CA PHE A 115 -4.80 -14.66 13.93
C PHE A 115 -4.76 -14.62 15.46
N GLU A 116 -5.61 -13.78 16.03
CA GLU A 116 -5.65 -13.59 17.48
C GLU A 116 -6.97 -14.08 18.01
N THR A 117 -6.97 -14.52 19.26
CA THR A 117 -8.19 -15.02 19.89
C THR A 117 -9.15 -13.87 20.18
N THR A 118 -10.44 -14.18 20.26
CA THR A 118 -11.47 -13.19 20.57
C THR A 118 -12.34 -13.74 21.69
N PHE A 119 -13.18 -12.88 22.27
CA PHE A 119 -14.04 -13.26 23.39
C PHE A 119 -15.47 -13.51 22.96
N ALA A 120 -16.12 -14.44 23.65
CA ALA A 120 -17.54 -14.68 23.49
C ALA A 120 -18.14 -14.95 24.86
N VAL A 121 -19.42 -14.62 25.02
CA VAL A 121 -20.12 -14.87 26.28
C VAL A 121 -21.17 -15.96 26.11
N LYS A 122 -21.27 -16.81 27.13
CA LYS A 122 -22.32 -17.82 27.21
C LYS A 122 -22.80 -17.92 28.64
N ASN A 123 -24.11 -17.85 28.82
CA ASN A 123 -24.74 -17.89 30.15
C ASN A 123 -23.97 -17.11 31.21
N GLY A 124 -23.64 -15.86 30.88
CA GLY A 124 -23.05 -14.95 31.85
C GLY A 124 -21.56 -15.10 32.07
N ASN A 125 -20.89 -15.89 31.24
CA ASN A 125 -19.45 -16.08 31.37
C ASN A 125 -18.69 -15.88 30.06
N ARG A 126 -17.65 -15.06 30.14
CA ARG A 126 -16.85 -14.70 28.98
C ARG A 126 -15.62 -15.58 28.90
N ALA A 127 -15.36 -16.12 27.71
CA ALA A 127 -14.18 -16.94 27.49
C ALA A 127 -13.72 -16.83 26.04
N ALA A 128 -12.49 -17.29 25.80
CA ALA A 128 -11.93 -17.30 24.47
C ALA A 128 -12.75 -18.19 23.55
N SER A 129 -13.03 -17.69 22.35
CA SER A 129 -13.78 -18.43 21.36
C SER A 129 -12.88 -19.47 20.70
N GLU A 130 -13.45 -20.63 20.42
CA GLU A 130 -12.74 -21.65 19.66
C GLU A 130 -13.12 -21.56 18.18
N LEU A 131 -13.91 -20.54 17.81
CA LEU A 131 -14.46 -20.45 16.46
C LEU A 131 -14.15 -19.16 15.73
N VAL A 132 -14.15 -18.05 16.47
CA VAL A 132 -13.99 -16.73 15.90
C VAL A 132 -12.59 -16.18 16.19
N PHE A 133 -11.89 -15.77 15.15
CA PHE A 133 -10.53 -15.25 15.26
C PHE A 133 -10.39 -13.91 14.55
N LYS A 134 -9.42 -13.13 14.99
CA LYS A 134 -9.18 -11.80 14.43
C LYS A 134 -7.91 -11.83 13.61
N LYS A 135 -8.00 -11.46 12.34
N LYS A 135 -8.00 -11.45 12.34
CA LYS A 135 -6.81 -11.42 11.49
CA LYS A 135 -6.81 -11.43 11.49
C LYS A 135 -5.94 -10.26 11.94
C LYS A 135 -5.92 -10.26 11.87
N SER A 136 -4.66 -10.55 12.18
CA SER A 136 -3.73 -9.54 12.61
C SER A 136 -2.78 -9.12 11.50
N ARG A 137 -2.59 -7.81 11.38
CA ARG A 137 -1.66 -7.23 10.44
C ARG A 137 -0.41 -6.72 11.17
N ASN A 138 -0.18 -7.22 12.38
CA ASN A 138 1.00 -6.86 13.15
C ASN A 138 2.11 -7.90 12.95
N GLU A 139 2.89 -8.21 13.98
CA GLU A 139 4.07 -9.03 13.75
C GLU A 139 3.69 -10.48 13.42
N TYR A 140 4.62 -11.15 12.74
CA TYR A 140 4.37 -12.52 12.27
C TYR A 140 5.66 -13.30 12.20
N ALA A 141 5.54 -14.62 12.39
CA ALA A 141 6.68 -15.52 12.32
C ALA A 141 7.06 -15.82 10.87
N THR A 142 8.34 -16.12 10.66
CA THR A 142 8.85 -16.45 9.33
C THR A 142 9.72 -17.69 9.42
N ALA A 143 9.89 -18.36 8.28
CA ALA A 143 10.82 -19.47 8.18
C ALA A 143 11.40 -19.50 6.79
N TYR A 144 12.63 -19.97 6.70
CA TYR A 144 13.37 -20.07 5.44
C TYR A 144 14.09 -21.41 5.39
N LEU A 145 14.04 -22.06 4.24
CA LEU A 145 14.71 -23.34 4.06
C LEU A 145 15.21 -23.47 2.63
N ASN A 146 16.46 -23.89 2.51
N ASN A 146 16.48 -23.84 2.50
CA ASN A 146 17.05 -24.23 1.22
CA ASN A 146 17.10 -24.29 1.24
C ASN A 146 17.51 -25.68 1.25
C ASN A 146 17.45 -25.74 1.31
N MET A 147 17.13 -26.48 0.26
CA MET A 147 17.51 -27.88 0.20
C MET A 147 18.07 -28.20 -1.18
N VAL A 148 19.11 -29.03 -1.22
CA VAL A 148 19.74 -29.42 -2.47
C VAL A 148 19.84 -30.94 -2.61
N ARG A 149 19.86 -31.39 -3.85
CA ARG A 149 20.18 -32.78 -4.17
C ARG A 149 21.66 -32.93 -4.49
N ASN A 150 22.34 -33.82 -3.79
CA ASN A 150 23.75 -34.08 -4.03
C ASN A 150 23.97 -35.07 -5.17
N GLU A 151 25.23 -35.23 -5.57
CA GLU A 151 25.57 -36.12 -6.69
C GLU A 151 25.24 -37.57 -6.37
N ASP A 152 25.32 -37.92 -5.09
CA ASP A 152 25.02 -39.29 -4.65
C ASP A 152 23.52 -39.43 -4.33
N ASN A 153 22.76 -38.43 -4.75
CA ASN A 153 21.29 -38.40 -4.65
C ASN A 153 20.73 -38.27 -3.25
N THR A 154 21.58 -38.05 -2.26
CA THR A 154 21.09 -37.69 -0.94
C THR A 154 20.56 -36.25 -0.99
N LEU A 155 19.65 -35.91 -0.09
CA LEU A 155 19.16 -34.54 0.03
C LEU A 155 19.76 -33.89 1.25
N ASN A 156 20.00 -32.58 1.17
CA ASN A 156 20.63 -31.87 2.27
C ASN A 156 20.10 -30.47 2.41
N ILE A 157 19.76 -30.10 3.64
CA ILE A 157 19.40 -28.74 3.96
C ILE A 157 20.66 -27.90 4.06
N THR A 158 20.78 -26.89 3.21
CA THR A 158 21.99 -26.08 3.15
C THR A 158 21.82 -24.78 3.92
N GLU A 159 20.58 -24.37 4.14
CA GLU A 159 20.30 -23.15 4.87
C GLU A 159 18.96 -23.28 5.56
N GLN A 160 18.90 -22.88 6.83
CA GLN A 160 17.65 -22.78 7.56
C GLN A 160 17.69 -21.56 8.46
N GLN A 161 16.59 -20.82 8.50
CA GLN A 161 16.50 -19.64 9.34
C GLN A 161 15.05 -19.39 9.73
N SER A 162 14.84 -19.05 11.00
CA SER A 162 13.52 -18.69 11.49
C SER A 162 13.51 -17.22 11.82
N GLY A 163 12.34 -16.63 11.94
CA GLY A 163 12.29 -15.22 12.26
C GLY A 163 10.98 -14.71 12.80
N LEU A 164 11.02 -13.43 13.18
CA LEU A 164 9.89 -12.64 13.62
C LEU A 164 9.99 -11.35 12.84
N ALA A 165 8.93 -11.00 12.10
CA ALA A 165 8.93 -9.82 11.26
C ALA A 165 7.80 -8.89 11.68
N GLY A 166 7.94 -7.60 11.39
CA GLY A 166 6.85 -6.66 11.57
C GLY A 166 6.60 -6.20 13.00
N LEU A 167 7.58 -6.34 13.87
CA LEU A 167 7.44 -5.88 15.26
C LEU A 167 7.72 -4.39 15.31
N GLN A 168 6.77 -3.62 15.85
CA GLN A 168 6.90 -2.17 15.93
C GLN A 168 6.72 -1.75 17.38
N LEU A 169 7.80 -1.30 17.99
CA LEU A 169 7.84 -1.02 19.42
C LEU A 169 8.25 0.41 19.71
N ILE A 170 7.50 1.06 20.56
N ILE A 170 7.52 1.07 20.60
CA ILE A 170 7.86 2.38 21.04
CA ILE A 170 7.85 2.42 21.02
C ILE A 170 8.04 2.34 22.54
C ILE A 170 7.97 2.45 22.54
N LYS A 171 9.08 3.01 23.02
CA LYS A 171 9.31 3.15 24.46
C LYS A 171 9.26 4.64 24.77
N VAL A 172 8.35 5.06 25.64
CA VAL A 172 8.00 6.48 25.75
C VAL A 172 9.07 7.33 26.45
N SER A 173 9.93 6.70 27.23
CA SER A 173 11.03 7.38 27.91
C SER A 173 12.14 6.38 28.19
N GLY A 174 13.27 6.85 28.70
CA GLY A 174 14.39 5.97 29.01
C GLY A 174 15.20 5.59 27.78
N ASN A 175 15.38 6.56 26.89
CA ASN A 175 16.18 6.39 25.68
C ASN A 175 16.94 7.67 25.40
N SER A 176 18.23 7.55 25.09
CA SER A 176 19.00 8.73 24.67
C SER A 176 19.75 8.44 23.37
N PHE A 177 20.10 9.51 22.68
CA PHE A 177 21.05 9.42 21.59
C PHE A 177 21.91 10.67 21.64
N VAL A 178 23.10 10.51 22.20
CA VAL A 178 24.01 11.61 22.42
C VAL A 178 25.43 11.17 22.08
N GLY A 179 26.32 12.15 21.87
CA GLY A 179 27.75 11.86 21.74
C GLY A 179 28.19 11.44 20.36
N PHE A 180 27.28 11.51 19.40
CA PHE A 180 27.60 11.20 18.01
C PHE A 180 28.38 12.33 17.36
N ILE A 181 28.95 12.05 16.20
CA ILE A 181 29.82 13.00 15.51
C ILE A 181 29.09 14.28 15.17
N ARG A 182 29.70 15.41 15.53
CA ARG A 182 29.21 16.73 15.16
C ARG A 182 30.24 17.38 14.26
N ASP A 183 29.87 17.57 12.99
CA ASP A 183 30.74 18.24 12.03
C ASP A 183 29.86 19.05 11.08
N GLU A 184 30.40 19.42 9.93
CA GLU A 184 29.69 20.30 9.00
C GLU A 184 28.38 19.71 8.50
N TYR A 185 28.19 18.38 8.60
CA TYR A 185 26.95 17.78 8.13
C TYR A 185 25.94 17.48 9.24
N THR A 186 26.29 17.81 10.48
CA THR A 186 25.43 17.47 11.61
C THR A 186 24.52 18.62 12.02
N THR A 187 23.22 18.38 11.94
CA THR A 187 22.21 19.31 12.42
C THR A 187 21.34 18.68 13.51
N LEU A 188 21.44 17.36 13.68
CA LEU A 188 20.64 16.64 14.66
C LEU A 188 20.97 17.05 16.10
N PRO A 189 19.98 17.55 16.86
CA PRO A 189 20.27 17.79 18.27
C PRO A 189 20.43 16.50 19.06
N GLU A 190 21.31 16.53 20.05
CA GLU A 190 21.40 15.45 21.01
C GLU A 190 20.07 15.34 21.75
N ASP A 191 19.70 14.12 22.15
CA ASP A 191 18.46 13.90 22.87
C ASP A 191 18.68 12.98 24.06
N SER A 192 18.47 13.50 25.26
CA SER A 192 18.67 12.70 26.47
C SER A 192 17.46 11.87 26.83
N ASN A 193 16.33 12.11 26.16
CA ASN A 193 15.09 11.40 26.47
C ASN A 193 14.11 11.42 25.31
N ARG A 194 14.28 10.48 24.40
CA ARG A 194 13.44 10.40 23.20
C ARG A 194 12.49 9.22 23.32
N PRO A 195 11.31 9.31 22.67
CA PRO A 195 10.38 8.19 22.61
C PRO A 195 10.74 7.25 21.47
N LEU A 196 11.82 6.50 21.68
CA LEU A 196 12.37 5.66 20.62
C LEU A 196 11.35 4.70 20.04
N PHE A 197 11.16 4.77 18.73
CA PHE A 197 10.21 3.94 18.00
C PHE A 197 10.98 3.15 16.98
N VAL A 198 11.04 1.83 17.16
CA VAL A 198 11.82 0.98 16.28
C VAL A 198 10.96 -0.09 15.64
N TYR A 199 11.24 -0.35 14.38
CA TYR A 199 10.73 -1.53 13.70
C TYR A 199 11.78 -2.60 13.83
N LEU A 200 11.37 -3.83 14.17
CA LEU A 200 12.32 -4.92 14.33
C LEU A 200 11.96 -6.13 13.49
N ASN A 201 12.97 -6.65 12.81
CA ASN A 201 12.92 -7.94 12.15
C ASN A 201 14.03 -8.76 12.74
N ILE A 202 13.71 -9.89 13.35
CA ILE A 202 14.68 -10.69 14.09
C ILE A 202 14.71 -12.08 13.51
N LYS A 203 15.91 -12.55 13.16
CA LYS A 203 16.04 -13.90 12.58
C LYS A 203 17.05 -14.71 13.36
N TRP A 204 16.78 -16.01 13.52
CA TRP A 204 17.69 -16.87 14.26
C TRP A 204 17.98 -18.16 13.51
N LYS A 205 19.15 -18.71 13.80
CA LYS A 205 19.59 -19.98 13.25
C LYS A 205 19.92 -20.93 14.39
N TYR A 206 19.53 -22.18 14.21
CA TYR A 206 19.78 -23.22 15.20
C TYR A 206 21.14 -23.88 15.01
N LYS A 207 21.74 -24.32 16.10
CA LYS A 207 22.95 -25.15 16.00
C LYS A 207 22.63 -26.42 15.21
N ASN A 208 21.49 -27.02 15.53
CA ASN A 208 21.02 -28.21 14.84
C ASN A 208 19.68 -27.93 14.16
N THR A 209 19.69 -27.95 12.84
CA THR A 209 18.50 -27.62 12.04
C THR A 209 17.29 -28.48 12.39
N GLU A 210 17.52 -29.68 12.93
CA GLU A 210 16.44 -30.55 13.37
C GLU A 210 15.59 -29.90 14.47
N ASP A 211 16.22 -29.08 15.30
CA ASP A 211 15.51 -28.44 16.40
C ASP A 211 14.46 -27.47 15.88
N SER A 212 14.60 -27.04 14.63
CA SER A 212 13.70 -26.05 14.07
C SER A 212 12.33 -26.64 13.74
N PHE A 213 12.24 -27.97 13.61
CA PHE A 213 11.03 -28.59 13.10
C PHE A 213 9.94 -28.71 14.17
N GLY A 214 10.35 -28.81 15.42
CA GLY A 214 9.41 -28.90 16.53
C GLY A 214 9.09 -30.33 16.93
N THR A 215 9.72 -31.29 16.28
CA THR A 215 9.48 -32.71 16.58
C THR A 215 9.90 -33.03 18.00
N ASN A 216 10.95 -32.37 18.49
CA ASN A 216 11.29 -32.34 19.91
C ASN A 216 10.99 -30.93 20.44
N PRO A 217 9.73 -30.69 20.83
CA PRO A 217 9.27 -29.32 21.09
C PRO A 217 10.05 -28.57 22.17
N GLU A 218 10.75 -29.28 23.04
CA GLU A 218 11.51 -28.65 24.10
C GLU A 218 12.67 -27.82 23.56
N ASN A 219 13.07 -28.10 22.32
CA ASN A 219 14.19 -27.40 21.71
C ASN A 219 13.74 -26.33 20.72
N TYR A 220 12.42 -26.21 20.52
CA TYR A 220 11.88 -25.24 19.57
C TYR A 220 11.87 -23.82 20.17
N VAL A 221 12.28 -22.85 19.36
CA VAL A 221 12.26 -21.45 19.74
C VAL A 221 11.09 -20.76 19.04
N ALA A 222 10.11 -20.32 19.81
CA ALA A 222 8.92 -19.70 19.24
C ALA A 222 9.10 -18.21 19.05
N ALA A 223 8.61 -17.71 17.92
CA ALA A 223 8.67 -16.29 17.63
C ALA A 223 7.97 -15.48 18.72
N GLU A 224 6.93 -16.04 19.31
CA GLU A 224 6.22 -15.38 20.41
C GLU A 224 7.15 -15.12 21.60
N GLN A 225 8.05 -16.05 21.87
CA GLN A 225 8.99 -15.90 22.98
C GLN A 225 10.06 -14.87 22.65
N ILE A 226 10.48 -14.85 21.39
CA ILE A 226 11.44 -13.85 20.94
C ILE A 226 10.83 -12.46 21.08
N ARG A 227 9.56 -12.30 20.71
CA ARG A 227 8.88 -11.02 20.87
C ARG A 227 8.95 -10.55 22.33
N ASP A 228 8.63 -11.46 23.24
CA ASP A 228 8.51 -11.09 24.65
C ASP A 228 9.88 -10.81 25.26
N ILE A 229 10.92 -11.47 24.77
CA ILE A 229 12.27 -11.11 25.16
C ILE A 229 12.60 -9.68 24.68
N ALA A 230 12.26 -9.37 23.43
CA ALA A 230 12.57 -8.06 22.87
C ALA A 230 11.90 -6.96 23.67
N THR A 231 10.62 -7.13 24.02
CA THR A 231 9.94 -6.07 24.76
C THR A 231 10.47 -5.97 26.18
N SER A 232 10.83 -7.10 26.80
CA SER A 232 11.37 -7.04 28.16
C SER A 232 12.73 -6.33 28.21
N VAL A 233 13.60 -6.63 27.25
CA VAL A 233 14.90 -6.01 27.24
C VAL A 233 14.80 -4.53 26.93
N PHE A 234 13.90 -4.15 26.02
CA PHE A 234 13.67 -2.75 25.68
C PHE A 234 13.24 -2.00 26.95
N HIS A 235 12.28 -2.57 27.66
CA HIS A 235 11.79 -1.98 28.90
C HIS A 235 12.92 -1.78 29.93
N GLU A 236 13.73 -2.80 30.12
CA GLU A 236 14.77 -2.83 31.15
C GLU A 236 15.94 -1.89 30.88
N THR A 237 16.17 -1.60 29.61
CA THR A 237 17.39 -0.92 29.17
C THR A 237 17.22 0.58 29.02
N GLU A 238 18.14 1.33 29.61
CA GLU A 238 18.27 2.75 29.29
C GLU A 238 19.06 2.80 27.99
N THR A 239 18.35 2.88 26.87
CA THR A 239 18.99 2.69 25.57
C THR A 239 19.85 3.88 25.21
N LEU A 240 20.97 3.58 24.55
CA LEU A 240 21.93 4.61 24.16
C LEU A 240 21.93 4.83 22.64
N SER A 241 21.23 3.92 21.95
CA SER A 241 21.04 3.94 20.49
C SER A 241 20.28 2.69 20.15
N ILE A 242 19.81 2.59 18.91
CA ILE A 242 19.18 1.36 18.47
C ILE A 242 20.23 0.24 18.38
N GLN A 243 21.43 0.60 17.92
CA GLN A 243 22.56 -0.30 17.85
C GLN A 243 22.79 -1.00 19.21
N HIS A 244 22.80 -0.19 20.27
CA HIS A 244 22.98 -0.66 21.64
C HIS A 244 21.85 -1.59 22.05
N LEU A 245 20.62 -1.19 21.77
CA LEU A 245 19.44 -2.01 22.09
C LEU A 245 19.45 -3.39 21.42
N ILE A 246 19.69 -3.45 20.12
CA ILE A 246 19.55 -4.72 19.43
C ILE A 246 20.67 -5.69 19.84
N TYR A 247 21.86 -5.18 20.16
CA TYR A 247 22.90 -6.02 20.71
C TYR A 247 22.43 -6.69 22.00
N LEU A 248 21.83 -5.90 22.88
CA LEU A 248 21.39 -6.43 24.17
C LEU A 248 20.25 -7.41 24.01
N ILE A 249 19.34 -7.15 23.06
CA ILE A 249 18.26 -8.10 22.80
C ILE A 249 18.86 -9.41 22.30
N GLY A 250 19.84 -9.31 21.40
CA GLY A 250 20.48 -10.48 20.85
C GLY A 250 21.15 -11.32 21.92
N ARG A 251 21.88 -10.66 22.81
CA ARG A 251 22.58 -11.36 23.88
C ARG A 251 21.60 -12.11 24.78
N ARG A 252 20.47 -11.48 25.10
CA ARG A 252 19.47 -12.12 25.96
C ARG A 252 18.85 -13.33 25.28
N ILE A 253 18.59 -13.22 23.99
CA ILE A 253 18.04 -14.34 23.23
C ILE A 253 18.98 -15.54 23.27
N LEU A 254 20.27 -15.30 23.03
CA LEU A 254 21.22 -16.40 23.00
C LEU A 254 21.43 -16.99 24.39
N GLU A 255 21.24 -16.18 25.42
CA GLU A 255 21.34 -16.64 26.80
C GLU A 255 20.17 -17.57 27.15
N ARG A 256 18.98 -17.18 26.72
CA ARG A 256 17.78 -17.96 26.99
C ARG A 256 17.72 -19.24 26.18
N PHE A 257 18.32 -19.22 25.00
CA PHE A 257 18.24 -20.33 24.06
C PHE A 257 19.62 -20.78 23.61
N PRO A 258 20.29 -21.60 24.45
CA PRO A 258 21.63 -22.07 24.08
C PRO A 258 21.65 -22.91 22.81
N GLN A 259 20.48 -23.37 22.35
CA GLN A 259 20.43 -24.21 21.15
C GLN A 259 20.55 -23.38 19.88
N LEU A 260 20.49 -22.05 20.02
CA LEU A 260 20.64 -21.15 18.88
C LEU A 260 22.10 -20.83 18.62
N GLN A 261 22.45 -20.67 17.35
CA GLN A 261 23.82 -20.33 16.94
C GLN A 261 24.00 -18.84 16.71
N GLU A 262 22.99 -18.20 16.14
CA GLU A 262 23.08 -16.76 15.89
C GLU A 262 21.72 -16.11 15.88
N VAL A 263 21.71 -14.80 16.10
CA VAL A 263 20.52 -13.98 15.91
C VAL A 263 20.91 -12.76 15.08
N TYR A 264 20.08 -12.46 14.08
CA TYR A 264 20.33 -11.39 13.13
C TYR A 264 19.21 -10.35 13.20
N PHE A 265 19.59 -9.08 13.32
CA PHE A 265 18.64 -7.99 13.43
C PHE A 265 18.64 -7.08 12.22
N GLU A 266 17.44 -6.72 11.79
CA GLU A 266 17.26 -5.59 10.89
C GLU A 266 16.28 -4.64 11.58
N SER A 267 16.77 -3.47 11.94
CA SER A 267 15.93 -2.49 12.64
C SER A 267 15.80 -1.22 11.83
N GLN A 268 14.72 -0.49 12.07
CA GLN A 268 14.50 0.83 11.50
C GLN A 268 14.07 1.79 12.58
N ASN A 269 14.50 3.05 12.43
CA ASN A 269 14.15 4.11 13.33
C ASN A 269 13.02 4.96 12.77
N HIS A 270 11.91 5.02 13.51
CA HIS A 270 10.72 5.78 13.09
C HIS A 270 10.26 6.74 14.19
N THR A 271 11.22 7.14 15.03
CA THR A 271 10.93 8.00 16.16
C THR A 271 10.30 9.32 15.72
N TRP A 272 9.26 9.72 16.44
CA TRP A 272 8.52 10.94 16.14
C TRP A 272 9.30 12.20 16.47
N ASP A 273 8.98 13.26 15.74
CA ASP A 273 9.49 14.60 16.02
C ASP A 273 8.66 15.25 17.13
N LYS A 274 9.32 15.92 18.06
CA LYS A 274 8.63 16.68 19.09
C LYS A 274 8.16 18.03 18.51
N ILE A 275 6.92 18.43 18.80
CA ILE A 275 6.43 19.71 18.27
C ILE A 275 7.03 20.88 19.04
N LYS A 285 3.04 16.77 26.55
CA LYS A 285 4.09 16.64 25.54
C LYS A 285 3.51 16.03 24.26
N VAL A 286 3.78 16.66 23.11
CA VAL A 286 3.20 16.20 21.84
C VAL A 286 4.23 15.99 20.73
N TYR A 287 4.05 14.89 20.00
CA TYR A 287 4.95 14.51 18.92
C TYR A 287 4.18 14.35 17.61
N THR A 288 4.90 14.33 16.50
CA THR A 288 4.24 14.08 15.22
C THR A 288 5.15 13.26 14.31
N GLU A 289 4.59 12.80 13.20
CA GLU A 289 5.33 11.94 12.28
C GLU A 289 6.49 12.70 11.64
N PRO A 290 7.64 12.04 11.49
CA PRO A 290 8.80 12.64 10.82
C PRO A 290 8.67 12.67 9.30
N ARG A 291 9.62 13.33 8.65
CA ARG A 291 9.77 13.20 7.20
C ARG A 291 10.12 11.76 6.88
N PRO A 292 9.99 11.37 5.59
CA PRO A 292 10.12 9.94 5.25
C PRO A 292 11.45 9.25 5.55
N PRO A 293 12.60 9.95 5.47
CA PRO A 293 13.84 9.17 5.61
C PRO A 293 13.94 8.45 6.96
N TYR A 294 14.35 7.18 6.94
CA TYR A 294 14.46 6.39 8.16
C TYR A 294 15.85 5.80 8.32
N GLY A 295 16.33 5.79 9.55
CA GLY A 295 17.58 5.15 9.85
C GLY A 295 17.38 3.65 9.94
N PHE A 296 18.42 2.89 9.67
CA PHE A 296 18.35 1.46 9.87
C PHE A 296 19.66 0.89 10.34
N GLN A 297 19.56 -0.29 10.96
CA GLN A 297 20.71 -0.97 11.53
C GLN A 297 20.59 -2.45 11.23
N CYS A 298 21.74 -3.08 11.02
CA CYS A 298 21.81 -4.51 10.67
C CYS A 298 22.95 -5.13 11.49
N PHE A 299 22.66 -6.15 12.30
CA PHE A 299 23.68 -6.72 13.18
C PHE A 299 23.44 -8.19 13.49
N THR A 300 24.53 -8.97 13.50
CA THR A 300 24.45 -10.38 13.88
C THR A 300 25.15 -10.62 15.20
N VAL A 301 24.45 -11.25 16.14
CA VAL A 301 25.04 -11.72 17.39
C VAL A 301 25.20 -13.22 17.29
N THR A 302 26.37 -13.72 17.69
CA THR A 302 26.63 -15.16 17.62
C THR A 302 26.87 -15.76 19.00
N GLN A 303 26.55 -17.05 19.11
CA GLN A 303 26.51 -17.75 20.38
C GLN A 303 27.91 -18.01 20.88
N VAL B 1 27.22 -9.83 10.25
CA VAL B 1 26.87 -8.60 9.56
C VAL B 1 26.92 -7.43 10.55
N MET B 2 27.36 -6.26 10.07
CA MET B 2 27.35 -5.05 10.89
C MET B 2 27.33 -3.84 9.96
N TYR B 3 26.16 -3.24 9.81
CA TYR B 3 25.97 -2.09 8.92
C TYR B 3 24.92 -1.18 9.55
N TYR B 4 24.91 0.09 9.15
CA TYR B 4 23.76 0.93 9.45
C TYR B 4 23.68 2.01 8.39
N GLY B 5 22.58 2.74 8.34
CA GLY B 5 22.44 3.74 7.32
C GLY B 5 21.11 4.42 7.29
N LYS B 6 20.76 4.96 6.14
CA LYS B 6 19.52 5.72 5.97
C LYS B 6 18.83 5.30 4.69
N GLY B 7 17.52 5.06 4.77
CA GLY B 7 16.71 4.77 3.61
C GLY B 7 15.68 5.86 3.31
N ASP B 8 15.13 5.83 2.11
CA ASP B 8 14.15 6.81 1.64
C ASP B 8 14.66 8.25 1.75
N VAL B 9 15.91 8.47 1.35
CA VAL B 9 16.43 9.82 1.26
C VAL B 9 16.01 10.36 -0.09
N PHE B 10 14.86 11.01 -0.12
CA PHE B 10 14.40 11.67 -1.34
C PHE B 10 15.15 12.98 -1.55
N ALA B 11 15.52 13.23 -2.80
CA ALA B 11 16.15 14.49 -3.14
C ALA B 11 15.75 14.87 -4.55
N TYR B 12 15.29 16.11 -4.71
CA TYR B 12 14.86 16.64 -6.00
C TYR B 12 15.70 17.86 -6.36
N ARG B 13 16.20 17.87 -7.59
CA ARG B 13 17.11 18.89 -8.06
C ARG B 13 16.57 19.43 -9.38
N THR B 14 16.64 20.75 -9.60
CA THR B 14 16.28 21.29 -10.90
C THR B 14 17.54 21.58 -11.70
N TYR B 15 17.42 21.46 -13.02
CA TYR B 15 18.48 21.83 -13.95
C TYR B 15 19.82 21.18 -13.65
N LEU B 16 19.81 19.85 -13.62
CA LEU B 16 21.03 19.06 -13.62
C LEU B 16 21.62 19.19 -15.01
N LYS B 17 22.92 19.01 -15.14
CA LYS B 17 23.56 19.01 -16.47
C LYS B 17 22.83 18.02 -17.39
N PRO B 18 22.41 18.47 -18.60
CA PRO B 18 21.72 17.51 -19.47
C PRO B 18 22.59 16.35 -19.95
N LEU B 19 21.95 15.21 -20.13
CA LEU B 19 22.58 14.05 -20.76
C LEU B 19 22.33 14.12 -22.25
N THR B 20 23.41 14.20 -23.02
CA THR B 20 23.30 14.22 -24.47
C THR B 20 24.51 13.48 -25.04
N GLY B 21 24.58 13.35 -26.36
CA GLY B 21 25.72 12.70 -26.97
C GLY B 21 25.65 11.20 -26.78
N VAL B 22 24.45 10.68 -26.58
CA VAL B 22 24.30 9.24 -26.42
C VAL B 22 24.29 8.55 -27.77
N ARG B 23 24.58 7.25 -27.75
CA ARG B 23 24.61 6.42 -28.95
C ARG B 23 23.26 5.74 -29.14
N THR B 24 22.66 5.88 -30.31
CA THR B 24 21.29 5.39 -30.50
C THR B 24 21.26 3.92 -30.92
N ILE B 25 20.10 3.29 -30.72
CA ILE B 25 19.84 1.94 -31.19
C ILE B 25 18.52 1.92 -31.97
N PRO B 26 18.31 0.91 -32.83
CA PRO B 26 17.10 0.92 -33.67
C PRO B 26 15.80 0.85 -32.89
N GLU B 27 15.82 0.19 -31.74
CA GLU B 27 14.59 -0.02 -30.97
C GLU B 27 14.10 1.22 -30.24
N SER B 28 14.94 2.25 -30.14
CA SER B 28 14.65 3.39 -29.25
C SER B 28 14.96 4.75 -29.84
N PRO B 29 14.01 5.69 -29.73
CA PRO B 29 14.23 7.08 -30.13
C PRO B 29 15.02 7.88 -29.09
N PHE B 30 15.38 7.24 -27.98
CA PHE B 30 16.06 7.93 -26.87
C PHE B 30 17.28 8.69 -27.36
N SER B 31 17.36 9.96 -26.99
CA SER B 31 18.48 10.79 -27.44
C SER B 31 19.09 11.63 -26.32
N GLY B 32 18.62 11.42 -25.10
CA GLY B 32 19.15 12.10 -23.94
C GLY B 32 18.09 12.44 -22.90
N ARG B 33 18.50 13.19 -21.88
CA ARG B 33 17.62 13.65 -20.81
C ARG B 33 17.81 15.15 -20.58
N ASP B 34 16.70 15.89 -20.55
CA ASP B 34 16.74 17.34 -20.36
C ASP B 34 17.22 17.74 -18.97
N HIS B 35 16.82 16.95 -17.98
CA HIS B 35 17.15 17.17 -16.57
C HIS B 35 16.67 18.52 -16.01
N ILE B 36 15.58 19.05 -16.54
CA ILE B 36 14.95 20.21 -15.92
C ILE B 36 14.55 19.85 -14.49
N LEU B 37 14.06 18.63 -14.32
CA LEU B 37 13.68 18.11 -13.02
C LEU B 37 14.29 16.72 -12.85
N PHE B 38 14.99 16.53 -11.75
CA PHE B 38 15.74 15.33 -11.46
C PHE B 38 15.45 14.93 -10.03
N GLY B 39 14.90 13.74 -9.84
CA GLY B 39 14.60 13.24 -8.51
C GLY B 39 15.19 11.87 -8.30
N VAL B 40 15.66 11.64 -7.07
CA VAL B 40 16.23 10.35 -6.73
C VAL B 40 15.88 9.98 -5.30
N ASN B 41 15.70 8.69 -5.07
CA ASN B 41 15.48 8.11 -3.76
C ASN B 41 16.70 7.29 -3.45
N VAL B 42 17.48 7.72 -2.45
CA VAL B 42 18.76 7.09 -2.13
C VAL B 42 18.69 6.32 -0.82
N LYS B 43 19.31 5.15 -0.81
CA LYS B 43 19.56 4.41 0.42
C LYS B 43 21.07 4.27 0.58
N ILE B 44 21.56 4.59 1.77
CA ILE B 44 22.99 4.51 2.08
C ILE B 44 23.20 3.53 3.23
N SER B 45 24.16 2.63 3.07
N SER B 45 24.19 2.66 3.10
CA SER B 45 24.59 1.70 4.11
CA SER B 45 24.58 1.72 4.15
C SER B 45 26.09 1.85 4.29
C SER B 45 26.09 1.73 4.30
N VAL B 46 26.56 1.88 5.54
CA VAL B 46 28.00 1.95 5.80
C VAL B 46 28.43 0.91 6.82
N GLY B 47 29.69 0.51 6.72
CA GLY B 47 30.23 -0.48 7.63
C GLY B 47 31.67 -0.21 7.94
N GLY B 48 32.22 -1.01 8.85
CA GLY B 48 33.61 -0.88 9.24
C GLY B 48 33.79 -1.44 10.64
N THR B 49 34.94 -2.07 10.85
CA THR B 49 35.20 -2.73 12.12
C THR B 49 35.19 -1.73 13.29
N LYS B 50 35.51 -0.47 13.02
CA LYS B 50 35.55 0.52 14.09
C LYS B 50 34.16 0.91 14.60
N LEU B 51 33.11 0.38 13.98
CA LEU B 51 31.75 0.63 14.44
C LEU B 51 31.28 -0.35 15.51
N LEU B 52 32.10 -1.35 15.80
CA LEU B 52 31.67 -2.43 16.68
C LEU B 52 31.15 -1.93 18.03
N THR B 53 31.86 -1.01 18.66
CA THR B 53 31.50 -0.61 20.01
C THR B 53 30.26 0.26 20.04
N SER B 54 29.81 0.78 18.90
CA SER B 54 28.53 1.48 18.88
C SER B 54 27.41 0.49 19.17
N PHE B 55 27.64 -0.79 18.85
CA PHE B 55 26.69 -1.84 19.16
C PHE B 55 26.96 -2.47 20.52
N THR B 56 28.21 -2.90 20.74
CA THR B 56 28.51 -3.71 21.91
C THR B 56 28.61 -2.91 23.21
N LYS B 57 28.83 -1.60 23.11
CA LYS B 57 29.03 -0.78 24.30
C LYS B 57 28.16 0.48 24.33
N GLY B 58 27.44 0.75 23.26
CA GLY B 58 26.63 1.94 23.18
C GLY B 58 27.47 3.21 23.05
N ASP B 59 28.67 3.05 22.51
CA ASP B 59 29.59 4.17 22.34
C ASP B 59 29.35 4.84 21.00
N ASN B 60 28.88 6.08 21.02
CA ASN B 60 28.49 6.78 19.80
C ASN B 60 29.60 7.68 19.24
N SER B 61 30.80 7.59 19.81
CA SER B 61 31.90 8.48 19.43
C SER B 61 32.22 8.49 17.94
N LEU B 62 32.12 7.32 17.30
CA LEU B 62 32.44 7.20 15.88
C LEU B 62 31.21 7.02 15.03
N VAL B 63 30.05 7.32 15.60
CA VAL B 63 28.79 7.21 14.86
C VAL B 63 28.50 8.50 14.12
N VAL B 64 28.49 8.42 12.79
CA VAL B 64 27.89 9.44 11.95
C VAL B 64 26.39 9.25 12.07
N ALA B 65 25.67 10.27 12.55
CA ALA B 65 24.22 10.13 12.70
C ALA B 65 23.61 9.85 11.35
N THR B 66 22.58 9.01 11.30
CA THR B 66 21.97 8.70 10.03
C THR B 66 21.33 9.96 9.44
N ASP B 67 20.84 10.84 10.31
CA ASP B 67 20.33 12.13 9.87
C ASP B 67 21.42 12.92 9.13
N SER B 68 22.66 12.81 9.59
CA SER B 68 23.77 13.49 8.94
C SER B 68 24.08 12.89 7.57
N MET B 69 23.91 11.58 7.43
CA MET B 69 24.04 10.95 6.12
C MET B 69 23.02 11.51 5.14
N LYS B 70 21.79 11.68 5.62
CA LYS B 70 20.75 12.28 4.83
C LYS B 70 21.18 13.69 4.36
N ASN B 71 21.65 14.52 5.29
CA ASN B 71 22.16 15.85 4.92
C ASN B 71 23.27 15.77 3.88
N PHE B 72 24.16 14.81 4.07
CA PHE B 72 25.30 14.61 3.19
C PHE B 72 24.85 14.35 1.75
N ILE B 73 23.91 13.43 1.61
CA ILE B 73 23.38 13.07 0.30
C ILE B 73 22.70 14.27 -0.36
N GLN B 74 21.85 14.96 0.39
CA GLN B 74 21.09 16.07 -0.18
C GLN B 74 22.00 17.23 -0.57
N LYS B 75 23.02 17.52 0.25
CA LYS B 75 23.97 18.57 -0.08
C LYS B 75 24.77 18.23 -1.33
N HIS B 76 25.15 16.96 -1.47
CA HIS B 76 25.93 16.55 -2.63
C HIS B 76 25.10 16.54 -3.92
N LEU B 77 23.78 16.38 -3.83
CA LEU B 77 22.98 16.52 -5.05
C LEU B 77 23.01 17.96 -5.54
N ALA B 78 23.12 18.92 -4.62
CA ALA B 78 23.20 20.33 -4.99
C ALA B 78 24.50 20.65 -5.73
N SER B 79 25.58 19.97 -5.38
CA SER B 79 26.90 20.27 -5.95
C SER B 79 27.27 19.35 -7.11
N TYR B 80 26.46 18.32 -7.36
CA TYR B 80 26.78 17.32 -8.38
C TYR B 80 26.79 17.93 -9.78
N THR B 81 27.88 17.70 -10.52
CA THR B 81 28.05 18.33 -11.83
C THR B 81 27.89 17.35 -12.98
N GLY B 82 27.50 16.12 -12.66
CA GLY B 82 27.36 15.07 -13.65
C GLY B 82 25.95 14.89 -14.17
N THR B 83 25.71 13.76 -14.82
CA THR B 83 24.54 13.60 -15.69
C THR B 83 23.77 12.31 -15.48
N THR B 84 24.21 11.46 -14.54
CA THR B 84 23.53 10.18 -14.31
C THR B 84 23.39 9.88 -12.81
N ILE B 85 22.39 9.06 -12.48
CA ILE B 85 22.27 8.58 -11.11
C ILE B 85 23.51 7.74 -10.74
N GLU B 86 24.01 6.94 -11.68
CA GLU B 86 25.23 6.16 -11.45
C GLU B 86 26.42 7.05 -11.05
N GLY B 87 26.60 8.14 -11.77
CA GLY B 87 27.67 9.08 -11.45
C GLY B 87 27.43 9.78 -10.13
N PHE B 88 26.17 10.04 -9.80
CA PHE B 88 25.85 10.69 -8.53
C PHE B 88 26.25 9.79 -7.36
N LEU B 89 25.97 8.50 -7.49
CA LEU B 89 26.32 7.57 -6.42
C LEU B 89 27.83 7.51 -6.22
N GLU B 90 28.60 7.55 -7.32
CA GLU B 90 30.05 7.48 -7.20
C GLU B 90 30.55 8.75 -6.51
N TYR B 91 29.95 9.88 -6.85
CA TYR B 91 30.31 11.16 -6.25
C TYR B 91 30.07 11.13 -4.74
N VAL B 92 28.92 10.61 -4.35
CA VAL B 92 28.55 10.56 -2.93
C VAL B 92 29.49 9.60 -2.19
N ALA B 93 29.72 8.43 -2.80
CA ALA B 93 30.51 7.39 -2.16
C ALA B 93 31.92 7.84 -1.93
N THR B 94 32.55 8.39 -2.96
CA THR B 94 33.93 8.83 -2.87
C THR B 94 34.05 9.92 -1.83
N SER B 95 33.10 10.86 -1.87
N SER B 95 33.11 10.87 -1.86
CA SER B 95 33.09 12.00 -0.96
CA SER B 95 33.14 11.99 -0.94
C SER B 95 32.92 11.55 0.49
C SER B 95 32.95 11.53 0.51
N PHE B 96 32.05 10.59 0.71
CA PHE B 96 31.77 10.11 2.06
C PHE B 96 32.97 9.39 2.67
N LEU B 97 33.59 8.50 1.91
CA LEU B 97 34.74 7.79 2.44
C LEU B 97 35.92 8.76 2.69
N LYS B 98 36.05 9.78 1.85
CA LYS B 98 37.11 10.77 2.07
C LYS B 98 36.88 11.56 3.36
N LYS B 99 35.61 11.83 3.67
CA LYS B 99 35.26 12.59 4.87
C LYS B 99 35.42 11.76 6.15
N TYR B 100 35.04 10.49 6.09
CA TYR B 100 34.96 9.66 7.29
C TYR B 100 35.91 8.46 7.20
N SER B 101 37.11 8.68 7.71
CA SER B 101 38.23 7.75 7.54
C SER B 101 38.02 6.40 8.23
N HIS B 102 37.12 6.36 9.22
CA HIS B 102 36.91 5.12 9.99
C HIS B 102 35.86 4.22 9.34
N ILE B 103 35.26 4.67 8.26
CA ILE B 103 34.30 3.88 7.51
C ILE B 103 35.03 3.10 6.44
N GLU B 104 34.81 1.79 6.40
CA GLU B 104 35.56 0.91 5.50
C GLU B 104 34.79 0.56 4.23
N LYS B 105 33.46 0.66 4.28
CA LYS B 105 32.64 0.32 3.13
C LYS B 105 31.36 1.12 3.10
N ILE B 106 30.91 1.40 1.89
CA ILE B 106 29.66 2.11 1.68
C ILE B 106 28.91 1.47 0.51
N SER B 107 27.60 1.32 0.70
N SER B 107 27.62 1.25 0.72
CA SER B 107 26.72 0.75 -0.32
CA SER B 107 26.74 0.79 -0.34
C SER B 107 25.56 1.70 -0.59
C SER B 107 25.71 1.87 -0.59
N LEU B 108 25.36 2.06 -1.85
CA LEU B 108 24.34 3.02 -2.23
C LEU B 108 23.38 2.42 -3.23
N ILE B 109 22.09 2.66 -3.02
CA ILE B 109 21.07 2.38 -4.01
C ILE B 109 20.42 3.71 -4.38
N GLY B 110 20.25 3.95 -5.68
CA GLY B 110 19.54 5.12 -6.13
C GLY B 110 18.41 4.71 -7.06
N GLU B 111 17.21 5.21 -6.76
CA GLU B 111 16.07 4.95 -7.62
C GLU B 111 15.58 6.27 -8.16
N GLU B 112 15.47 6.34 -9.49
CA GLU B 112 14.89 7.47 -10.15
C GLU B 112 13.47 7.70 -9.67
N ILE B 113 13.13 8.97 -9.45
N ILE B 113 13.11 8.97 -9.49
CA ILE B 113 11.74 9.37 -9.30
CA ILE B 113 11.74 9.36 -9.31
C ILE B 113 11.35 10.02 -10.63
C ILE B 113 11.30 10.04 -10.60
N PRO B 114 10.61 9.29 -11.48
CA PRO B 114 10.37 9.80 -12.84
C PRO B 114 9.25 10.82 -12.98
N PHE B 115 9.50 11.76 -13.89
CA PHE B 115 8.50 12.75 -14.26
C PHE B 115 8.34 12.72 -15.77
N GLU B 116 7.13 13.00 -16.21
CA GLU B 116 6.81 13.00 -17.63
C GLU B 116 6.44 14.42 -18.06
N THR B 117 6.69 14.70 -19.33
CA THR B 117 6.41 16.02 -19.87
C THR B 117 4.90 16.21 -20.05
N THR B 118 4.48 17.47 -20.02
CA THR B 118 3.10 17.84 -20.22
C THR B 118 3.09 18.92 -21.26
N PHE B 119 1.91 19.26 -21.75
CA PHE B 119 1.84 20.25 -22.82
C PHE B 119 0.98 21.43 -22.39
N ALA B 120 1.27 22.55 -23.02
CA ALA B 120 0.63 23.80 -22.68
C ALA B 120 0.49 24.61 -23.93
N VAL B 121 -0.54 25.45 -23.97
CA VAL B 121 -0.73 26.36 -25.09
C VAL B 121 -0.20 27.73 -24.71
N LYS B 122 0.69 28.26 -25.54
CA LYS B 122 1.26 29.59 -25.33
C LYS B 122 1.74 30.18 -26.63
N ASN B 123 1.39 31.44 -26.86
CA ASN B 123 1.80 32.17 -28.06
C ASN B 123 1.28 31.54 -29.35
N GLY B 124 0.17 30.82 -29.22
CA GLY B 124 -0.57 30.34 -30.38
C GLY B 124 -0.37 28.87 -30.71
N ASN B 125 0.53 28.19 -30.02
CA ASN B 125 0.71 26.77 -30.28
C ASN B 125 0.91 25.96 -29.02
N ARG B 126 0.50 24.70 -29.11
CA ARG B 126 0.64 23.74 -28.04
C ARG B 126 2.02 23.10 -28.14
N ALA B 127 2.74 23.07 -27.02
CA ALA B 127 4.09 22.56 -27.01
C ALA B 127 4.47 22.03 -25.63
N ALA B 128 5.52 21.23 -25.59
CA ALA B 128 6.03 20.67 -24.35
C ALA B 128 6.35 21.79 -23.36
N SER B 129 5.85 21.64 -22.14
CA SER B 129 6.11 22.62 -21.10
C SER B 129 7.49 22.44 -20.50
N GLU B 130 8.16 23.55 -20.22
CA GLU B 130 9.45 23.52 -19.53
C GLU B 130 9.26 23.68 -18.03
N LEU B 131 8.01 23.79 -17.60
CA LEU B 131 7.71 24.13 -16.20
C LEU B 131 6.90 23.07 -15.46
N VAL B 132 5.92 22.48 -16.15
CA VAL B 132 4.95 21.59 -15.52
C VAL B 132 5.23 20.14 -15.90
N PHE B 133 5.37 19.29 -14.89
CA PHE B 133 5.70 17.90 -15.08
C PHE B 133 4.72 17.01 -14.31
N LYS B 134 4.54 15.80 -14.82
CA LYS B 134 3.64 14.82 -14.24
C LYS B 134 4.46 13.77 -13.52
N LYS B 135 4.19 13.56 -12.23
N LYS B 135 4.18 13.54 -12.23
CA LYS B 135 4.88 12.52 -11.50
CA LYS B 135 4.91 12.53 -11.47
C LYS B 135 4.40 11.18 -12.02
C LYS B 135 4.42 11.12 -11.83
N SER B 136 5.34 10.29 -12.31
CA SER B 136 4.98 8.95 -12.79
C SER B 136 5.22 7.89 -11.75
N ARG B 137 4.22 7.01 -11.60
CA ARG B 137 4.33 5.87 -10.70
C ARG B 137 4.54 4.59 -11.49
N ASN B 138 5.03 4.70 -12.72
CA ASN B 138 5.30 3.52 -13.53
C ASN B 138 6.79 3.16 -13.44
N GLU B 139 7.40 2.72 -14.52
CA GLU B 139 8.75 2.19 -14.44
C GLU B 139 9.76 3.29 -14.13
N TYR B 140 10.87 2.89 -13.53
CA TYR B 140 11.89 3.83 -13.11
C TYR B 140 13.28 3.20 -13.16
N ALA B 141 14.28 4.02 -13.42
CA ALA B 141 15.67 3.57 -13.48
C ALA B 141 16.21 3.37 -12.07
N THR B 142 17.21 2.49 -11.96
CA THR B 142 17.87 2.22 -10.69
C THR B 142 19.37 2.17 -10.89
N ALA B 143 20.09 2.34 -9.78
CA ALA B 143 21.54 2.23 -9.79
C ALA B 143 22.00 1.73 -8.43
N TYR B 144 23.08 0.95 -8.44
CA TYR B 144 23.65 0.38 -7.25
C TYR B 144 25.17 0.53 -7.31
N LEU B 145 25.79 0.86 -6.18
CA LEU B 145 27.23 1.01 -6.13
C LEU B 145 27.76 0.64 -4.76
N ASN B 146 28.81 -0.17 -4.74
N ASN B 146 28.84 -0.14 -4.72
CA ASN B 146 29.55 -0.47 -3.52
CA ASN B 146 29.51 -0.46 -3.47
C ASN B 146 30.98 0.03 -3.63
C ASN B 146 30.98 -0.07 -3.58
N MET B 147 31.48 0.64 -2.57
CA MET B 147 32.86 1.12 -2.56
C MET B 147 33.51 0.78 -1.24
N VAL B 148 34.79 0.42 -1.31
CA VAL B 148 35.56 0.02 -0.14
C VAL B 148 36.83 0.85 0.03
N ARG B 149 37.26 1.07 1.27
CA ARG B 149 38.58 1.63 1.55
C ARG B 149 39.55 0.52 1.85
N ASN B 150 40.64 0.46 1.08
CA ASN B 150 41.70 -0.51 1.32
C ASN B 150 42.65 -0.03 2.41
N GLU B 151 43.57 -0.91 2.81
CA GLU B 151 44.53 -0.58 3.87
C GLU B 151 45.34 0.68 3.58
N ASP B 152 45.64 0.94 2.31
CA ASP B 152 46.45 2.10 1.93
C ASP B 152 45.62 3.37 1.71
N ASN B 153 44.36 3.30 2.14
CA ASN B 153 43.41 4.41 2.03
C ASN B 153 43.03 4.75 0.60
N THR B 154 43.33 3.86 -0.35
CA THR B 154 42.76 4.00 -1.67
C THR B 154 41.33 3.48 -1.63
N LEU B 155 40.52 3.97 -2.56
CA LEU B 155 39.13 3.58 -2.65
C LEU B 155 38.91 2.77 -3.92
N ASN B 156 38.17 1.68 -3.81
CA ASN B 156 37.79 0.86 -4.96
C ASN B 156 36.30 0.62 -5.02
N ILE B 157 35.74 0.72 -6.21
CA ILE B 157 34.41 0.22 -6.48
C ILE B 157 34.47 -1.31 -6.53
N THR B 158 33.62 -1.97 -5.75
CA THR B 158 33.62 -3.43 -5.68
C THR B 158 32.39 -4.06 -6.33
N GLU B 159 31.38 -3.25 -6.62
CA GLU B 159 30.22 -3.71 -7.37
C GLU B 159 29.44 -2.51 -7.91
N GLN B 160 28.96 -2.63 -9.14
CA GLN B 160 28.12 -1.62 -9.78
C GLN B 160 27.06 -2.31 -10.59
N GLN B 161 25.82 -1.83 -10.51
CA GLN B 161 24.74 -2.40 -11.30
C GLN B 161 23.73 -1.32 -11.60
N SER B 162 23.22 -1.30 -12.83
CA SER B 162 22.16 -0.37 -13.21
C SER B 162 20.92 -1.17 -13.53
N GLY B 163 19.77 -0.52 -13.53
CA GLY B 163 18.56 -1.26 -13.81
C GLY B 163 17.35 -0.44 -14.18
N LEU B 164 16.29 -1.19 -14.47
CA LEU B 164 14.98 -0.67 -14.80
C LEU B 164 13.99 -1.48 -13.98
N ALA B 165 13.18 -0.82 -13.17
CA ALA B 165 12.23 -1.51 -12.31
C ALA B 165 10.81 -1.07 -12.62
N GLY B 166 9.83 -1.91 -12.31
CA GLY B 166 8.44 -1.51 -12.40
C GLY B 166 7.85 -1.51 -13.79
N LEU B 167 8.47 -2.20 -14.74
CA LEU B 167 7.91 -2.29 -16.09
C LEU B 167 6.80 -3.35 -16.08
N GLN B 168 5.61 -2.95 -16.53
CA GLN B 168 4.46 -3.84 -16.56
C GLN B 168 3.89 -3.87 -17.97
N LEU B 169 4.09 -4.98 -18.66
CA LEU B 169 3.75 -5.11 -20.08
C LEU B 169 2.78 -6.24 -20.32
N ILE B 170 1.70 -5.95 -21.05
CA ILE B 170 0.76 -6.99 -21.46
C ILE B 170 0.70 -7.03 -22.99
N LYS B 171 0.77 -8.25 -23.52
CA LYS B 171 0.66 -8.49 -24.95
C LYS B 171 -0.63 -9.26 -25.20
N VAL B 172 -1.56 -8.68 -25.96
CA VAL B 172 -2.93 -9.18 -26.01
C VAL B 172 -3.11 -10.50 -26.77
N SER B 173 -2.14 -10.85 -27.61
CA SER B 173 -2.17 -12.09 -28.36
C SER B 173 -0.77 -12.45 -28.81
N GLY B 174 -0.58 -13.64 -29.37
CA GLY B 174 0.72 -14.07 -29.82
C GLY B 174 1.62 -14.56 -28.70
N ASN B 175 1.02 -15.31 -27.78
CA ASN B 175 1.71 -15.92 -26.65
C ASN B 175 1.10 -17.28 -26.39
N SER B 176 1.93 -18.30 -26.18
CA SER B 176 1.38 -19.60 -25.78
C SER B 176 2.11 -20.13 -24.56
N PHE B 177 1.45 -21.05 -23.85
CA PHE B 177 2.11 -21.82 -22.83
C PHE B 177 1.51 -23.21 -22.88
N VAL B 178 2.26 -24.09 -23.55
CA VAL B 178 1.84 -25.48 -23.79
C VAL B 178 3.04 -26.39 -23.57
N GLY B 179 2.78 -27.68 -23.40
CA GLY B 179 3.86 -28.65 -23.40
C GLY B 179 4.52 -28.86 -22.04
N PHE B 180 3.99 -28.18 -21.04
CA PHE B 180 4.51 -28.32 -19.68
C PHE B 180 4.06 -29.64 -19.06
N ILE B 181 4.66 -29.99 -17.93
CA ILE B 181 4.42 -31.27 -17.29
C ILE B 181 2.97 -31.39 -16.85
N ARG B 182 2.34 -32.48 -17.26
CA ARG B 182 0.97 -32.79 -16.87
C ARG B 182 0.98 -34.05 -16.02
N ASP B 183 0.93 -33.88 -14.71
CA ASP B 183 0.91 -35.02 -13.80
C ASP B 183 -0.13 -34.81 -12.71
N GLU B 184 0.01 -35.49 -11.58
CA GLU B 184 -1.03 -35.48 -10.57
C GLU B 184 -1.16 -34.13 -9.84
N TYR B 185 -0.27 -33.18 -10.13
CA TYR B 185 -0.35 -31.84 -9.53
C TYR B 185 -0.80 -30.79 -10.53
N THR B 186 -1.12 -31.21 -11.75
CA THR B 186 -1.43 -30.27 -12.82
C THR B 186 -2.93 -30.12 -13.08
N THR B 187 -3.40 -28.88 -12.97
CA THR B 187 -4.78 -28.54 -13.31
C THR B 187 -4.84 -27.37 -14.31
N LEU B 188 -3.68 -26.81 -14.64
CA LEU B 188 -3.61 -25.70 -15.60
C LEU B 188 -3.85 -26.21 -17.02
N PRO B 189 -4.84 -25.66 -17.73
CA PRO B 189 -4.99 -26.11 -19.12
C PRO B 189 -3.91 -25.51 -20.01
N GLU B 190 -3.59 -26.21 -21.10
CA GLU B 190 -2.69 -25.64 -22.10
C GLU B 190 -3.40 -24.45 -22.75
N ASP B 191 -2.62 -23.45 -23.14
CA ASP B 191 -3.16 -22.23 -23.75
C ASP B 191 -2.32 -21.86 -24.96
N SER B 192 -2.93 -21.87 -26.13
CA SER B 192 -2.20 -21.57 -27.35
C SER B 192 -2.24 -20.08 -27.68
N ASN B 193 -3.04 -19.31 -26.94
CA ASN B 193 -3.13 -17.87 -27.17
C ASN B 193 -3.61 -17.14 -25.92
N ARG B 194 -2.66 -16.70 -25.10
CA ARG B 194 -2.99 -16.02 -23.86
C ARG B 194 -2.52 -14.56 -23.91
N PRO B 195 -3.19 -13.68 -23.15
CA PRO B 195 -2.74 -12.29 -23.07
C PRO B 195 -1.64 -12.10 -22.01
N LEU B 196 -0.43 -12.57 -22.31
CA LEU B 196 0.65 -12.59 -21.33
C LEU B 196 0.90 -11.20 -20.73
N PHE B 197 0.86 -11.13 -19.40
CA PHE B 197 1.07 -9.90 -18.65
C PHE B 197 2.25 -10.15 -17.72
N VAL B 198 3.37 -9.47 -17.96
CA VAL B 198 4.58 -9.67 -17.17
C VAL B 198 5.01 -8.38 -16.49
N TYR B 199 5.48 -8.53 -15.26
CA TYR B 199 6.21 -7.48 -14.56
C TYR B 199 7.67 -7.77 -14.81
N LEU B 200 8.44 -6.74 -15.17
CA LEU B 200 9.85 -6.93 -15.43
C LEU B 200 10.72 -5.98 -14.62
N ASN B 201 11.75 -6.55 -14.02
CA ASN B 201 12.83 -5.82 -13.40
C ASN B 201 14.08 -6.30 -14.13
N ILE B 202 14.80 -5.36 -14.74
CA ILE B 202 15.94 -5.70 -15.58
C ILE B 202 17.16 -4.95 -15.06
N LYS B 203 18.24 -5.69 -14.81
CA LYS B 203 19.47 -5.11 -14.27
C LYS B 203 20.63 -5.48 -15.16
N TRP B 204 21.56 -4.55 -15.38
CA TRP B 204 22.71 -4.83 -16.23
C TRP B 204 24.00 -4.39 -15.55
N LYS B 205 25.08 -5.04 -15.93
CA LYS B 205 26.40 -4.71 -15.43
C LYS B 205 27.33 -4.47 -16.60
N TYR B 206 28.14 -3.44 -16.44
CA TYR B 206 29.12 -3.05 -17.44
C TYR B 206 30.43 -3.82 -17.34
N LYS B 207 31.07 -4.05 -18.47
CA LYS B 207 32.44 -4.57 -18.47
C LYS B 207 33.39 -3.61 -17.76
N ASN B 208 33.21 -2.32 -18.02
CA ASN B 208 34.04 -1.27 -17.46
C ASN B 208 33.16 -0.31 -16.67
N THR B 209 33.40 -0.22 -15.36
CA THR B 209 32.50 0.54 -14.49
C THR B 209 32.42 2.01 -14.90
N GLU B 210 33.49 2.55 -15.47
CA GLU B 210 33.51 3.94 -15.91
C GLU B 210 32.41 4.25 -16.92
N ASP B 211 32.02 3.27 -17.74
CA ASP B 211 30.99 3.49 -18.76
C ASP B 211 29.62 3.81 -18.15
N SER B 212 29.45 3.48 -16.88
CA SER B 212 28.17 3.70 -16.21
C SER B 212 27.96 5.16 -15.82
N PHE B 213 29.03 5.97 -15.80
CA PHE B 213 28.96 7.29 -15.19
C PHE B 213 28.39 8.37 -16.11
N GLY B 214 28.49 8.15 -17.42
CA GLY B 214 28.02 9.15 -18.37
C GLY B 214 29.07 10.17 -18.80
N THR B 215 30.28 10.08 -18.26
CA THR B 215 31.31 11.06 -18.59
C THR B 215 31.70 10.99 -20.07
N ASN B 216 31.69 9.78 -20.62
CA ASN B 216 31.71 9.58 -22.08
C ASN B 216 30.36 8.99 -22.46
N PRO B 217 29.39 9.85 -22.79
CA PRO B 217 27.99 9.40 -22.82
C PRO B 217 27.69 8.35 -23.88
N GLU B 218 28.56 8.24 -24.88
CA GLU B 218 28.35 7.29 -25.95
C GLU B 218 28.43 5.84 -25.43
N ASN B 219 29.05 5.63 -24.27
CA ASN B 219 29.16 4.29 -23.70
C ASN B 219 28.11 3.96 -22.63
N TYR B 220 27.26 4.94 -22.34
CA TYR B 220 26.21 4.79 -21.34
C TYR B 220 25.05 4.00 -21.89
N VAL B 221 24.49 3.12 -21.06
CA VAL B 221 23.31 2.34 -21.43
C VAL B 221 22.11 2.88 -20.67
N ALA B 222 21.15 3.48 -21.38
CA ALA B 222 20.03 4.16 -20.74
C ALA B 222 18.87 3.21 -20.52
N ALA B 223 18.26 3.33 -19.34
CA ALA B 223 17.11 2.53 -19.00
C ALA B 223 16.00 2.68 -20.03
N GLU B 224 15.87 3.88 -20.58
CA GLU B 224 14.89 4.14 -21.64
C GLU B 224 15.11 3.22 -22.82
N GLN B 225 16.36 3.00 -23.18
CA GLN B 225 16.67 2.16 -24.31
C GLN B 225 16.40 0.68 -24.03
N ILE B 226 16.71 0.27 -22.81
CA ILE B 226 16.42 -1.07 -22.35
C ILE B 226 14.91 -1.32 -22.37
N ARG B 227 14.13 -0.34 -21.91
CA ARG B 227 12.67 -0.44 -21.96
C ARG B 227 12.17 -0.69 -23.39
N ASP B 228 12.70 0.07 -24.33
CA ASP B 228 12.26 -0.01 -25.72
C ASP B 228 12.67 -1.32 -26.38
N ILE B 229 13.81 -1.87 -25.98
CA ILE B 229 14.20 -3.21 -26.43
C ILE B 229 13.19 -4.25 -25.89
N ALA B 230 12.82 -4.12 -24.62
CA ALA B 230 11.92 -5.09 -24.02
C ALA B 230 10.57 -5.11 -24.73
N THR B 231 10.02 -3.94 -25.04
CA THR B 231 8.71 -3.86 -25.69
C THR B 231 8.80 -4.33 -27.14
N SER B 232 9.91 -4.03 -27.82
CA SER B 232 10.05 -4.45 -29.20
C SER B 232 10.16 -5.96 -29.29
N VAL B 233 11.00 -6.55 -28.46
CA VAL B 233 11.21 -7.99 -28.50
C VAL B 233 9.93 -8.73 -28.11
N PHE B 234 9.19 -8.21 -27.14
CA PHE B 234 7.92 -8.81 -26.73
C PHE B 234 6.95 -8.82 -27.92
N HIS B 235 6.88 -7.70 -28.63
CA HIS B 235 6.02 -7.57 -29.79
C HIS B 235 6.43 -8.55 -30.90
N GLU B 236 7.74 -8.62 -31.13
CA GLU B 236 8.30 -9.42 -32.24
C GLU B 236 8.13 -10.92 -32.05
N THR B 237 8.08 -11.34 -30.80
CA THR B 237 8.19 -12.75 -30.44
C THR B 237 6.86 -13.44 -30.22
N GLU B 238 6.68 -14.58 -30.87
CA GLU B 238 5.62 -15.52 -30.51
C GLU B 238 6.09 -16.25 -29.27
N THR B 239 5.77 -15.73 -28.09
CA THR B 239 6.34 -16.24 -26.86
C THR B 239 5.85 -17.66 -26.53
N LEU B 240 6.74 -18.45 -25.96
CA LEU B 240 6.44 -19.84 -25.58
C LEU B 240 6.36 -20.00 -24.07
N SER B 241 6.76 -18.95 -23.36
CA SER B 241 6.79 -18.89 -21.90
C SER B 241 7.42 -17.56 -21.55
N ILE B 242 7.37 -17.19 -20.29
CA ILE B 242 8.08 -16.00 -19.84
C ILE B 242 9.59 -16.24 -19.89
N GLN B 243 10.00 -17.44 -19.48
CA GLN B 243 11.38 -17.88 -19.56
C GLN B 243 11.96 -17.62 -20.95
N HIS B 244 11.21 -18.07 -21.95
CA HIS B 244 11.56 -17.90 -23.36
C HIS B 244 11.74 -16.42 -23.73
N LEU B 245 10.76 -15.62 -23.34
CA LEU B 245 10.76 -14.18 -23.61
C LEU B 245 11.96 -13.47 -22.99
N ILE B 246 12.24 -13.70 -21.71
CA ILE B 246 13.27 -12.88 -21.08
C ILE B 246 14.67 -13.26 -21.59
N TYR B 247 14.87 -14.52 -21.98
CA TYR B 247 16.12 -14.89 -22.60
C TYR B 247 16.32 -14.08 -23.88
N LEU B 248 15.27 -13.99 -24.69
CA LEU B 248 15.34 -13.26 -25.96
C LEU B 248 15.56 -11.77 -25.74
N ILE B 249 14.93 -11.19 -24.72
CA ILE B 249 15.17 -9.78 -24.42
C ILE B 249 16.64 -9.60 -24.04
N GLY B 250 17.15 -10.48 -23.17
CA GLY B 250 18.52 -10.41 -22.72
C GLY B 250 19.51 -10.50 -23.86
N ARG B 251 19.28 -11.41 -24.79
CA ARG B 251 20.15 -11.55 -25.95
C ARG B 251 20.15 -10.26 -26.77
N ARG B 252 18.99 -9.66 -26.98
CA ARG B 252 18.94 -8.43 -27.77
C ARG B 252 19.69 -7.30 -27.05
N ILE B 253 19.52 -7.20 -25.74
CA ILE B 253 20.21 -6.16 -24.97
C ILE B 253 21.73 -6.30 -25.12
N LEU B 254 22.23 -7.52 -24.99
CA LEU B 254 23.66 -7.75 -25.06
C LEU B 254 24.20 -7.57 -26.48
N GLU B 255 23.37 -7.80 -27.48
CA GLU B 255 23.73 -7.52 -28.86
C GLU B 255 23.83 -6.02 -29.14
N ARG B 256 22.85 -5.26 -28.63
CA ARG B 256 22.83 -3.81 -28.82
C ARG B 256 23.89 -3.06 -28.01
N PHE B 257 24.30 -3.63 -26.89
CA PHE B 257 25.26 -2.99 -25.99
C PHE B 257 26.44 -3.91 -25.69
N PRO B 258 27.41 -4.00 -26.62
CA PRO B 258 28.55 -4.91 -26.42
C PRO B 258 29.40 -4.53 -25.20
N GLN B 259 29.23 -3.33 -24.67
CA GLN B 259 30.00 -2.90 -23.49
C GLN B 259 29.44 -3.51 -22.20
N LEU B 260 28.28 -4.17 -22.28
CA LEU B 260 27.69 -4.84 -21.12
C LEU B 260 28.26 -6.25 -20.94
N GLN B 261 28.42 -6.65 -19.67
CA GLN B 261 28.91 -7.98 -19.34
C GLN B 261 27.77 -8.97 -19.17
N GLU B 262 26.67 -8.50 -18.57
CA GLU B 262 25.54 -9.38 -18.29
C GLU B 262 24.27 -8.60 -18.05
N VAL B 263 23.15 -9.29 -18.14
N VAL B 263 23.15 -9.29 -18.19
CA VAL B 263 21.85 -8.69 -17.85
CA VAL B 263 21.84 -8.73 -17.87
C VAL B 263 21.01 -9.70 -17.06
C VAL B 263 21.11 -9.73 -16.99
N TYR B 264 20.44 -9.23 -15.96
CA TYR B 264 19.71 -10.06 -15.02
C TYR B 264 18.23 -9.68 -15.00
N PHE B 265 17.37 -10.69 -15.10
CA PHE B 265 15.93 -10.49 -15.11
C PHE B 265 15.26 -11.04 -13.87
N GLU B 266 14.33 -10.25 -13.31
CA GLU B 266 13.35 -10.77 -12.39
C GLU B 266 11.98 -10.45 -12.96
N SER B 267 11.25 -11.49 -13.33
CA SER B 267 9.95 -11.33 -13.95
C SER B 267 8.86 -11.95 -13.09
N GLN B 268 7.64 -11.42 -13.20
CA GLN B 268 6.47 -12.02 -12.58
C GLN B 268 5.33 -12.15 -13.57
N ASN B 269 4.57 -13.23 -13.43
CA ASN B 269 3.42 -13.49 -14.27
C ASN B 269 2.14 -13.00 -13.61
N HIS B 270 1.45 -12.06 -14.25
CA HIS B 270 0.19 -11.54 -13.72
C HIS B 270 -0.94 -11.64 -14.74
N THR B 271 -0.81 -12.62 -15.63
CA THR B 271 -1.76 -12.83 -16.69
C THR B 271 -3.18 -13.03 -16.16
N TRP B 272 -4.14 -12.35 -16.81
CA TRP B 272 -5.54 -12.40 -16.43
C TRP B 272 -6.18 -13.74 -16.73
N ASP B 273 -7.21 -14.06 -15.96
CA ASP B 273 -8.06 -15.23 -16.20
C ASP B 273 -9.12 -14.90 -17.24
N LYS B 274 -9.37 -15.80 -18.17
CA LYS B 274 -10.45 -15.61 -19.13
C LYS B 274 -11.78 -15.97 -18.47
N ILE B 275 -12.81 -15.14 -18.64
CA ILE B 275 -14.12 -15.46 -18.08
C ILE B 275 -14.85 -16.47 -18.95
N LYS B 285 -14.08 -10.62 -26.20
CA LYS B 285 -13.31 -11.41 -25.24
C LYS B 285 -13.08 -10.63 -23.96
N VAL B 286 -13.35 -11.26 -22.82
CA VAL B 286 -13.21 -10.59 -21.53
C VAL B 286 -12.41 -11.40 -20.51
N TYR B 287 -11.53 -10.69 -19.81
CA TYR B 287 -10.63 -11.26 -18.82
C TYR B 287 -10.82 -10.59 -17.48
N THR B 288 -10.35 -11.23 -16.42
CA THR B 288 -10.42 -10.61 -15.09
C THR B 288 -9.17 -10.96 -14.27
N GLU B 289 -9.03 -10.31 -13.12
CA GLU B 289 -7.84 -10.49 -12.29
C GLU B 289 -7.79 -11.90 -11.72
N PRO B 290 -6.58 -12.47 -11.66
CA PRO B 290 -6.41 -13.82 -11.09
C PRO B 290 -6.36 -13.80 -9.57
N ARG B 291 -6.29 -14.99 -8.96
CA ARG B 291 -6.01 -15.11 -7.53
C ARG B 291 -4.60 -14.60 -7.27
N PRO B 292 -4.27 -14.32 -6.00
CA PRO B 292 -3.00 -13.66 -5.70
C PRO B 292 -1.71 -14.36 -6.09
N PRO B 293 -1.66 -15.71 -6.07
CA PRO B 293 -0.34 -16.30 -6.33
C PRO B 293 0.20 -15.95 -7.70
N TYR B 294 1.49 -15.63 -7.78
CA TYR B 294 2.10 -15.21 -9.04
C TYR B 294 3.35 -16.01 -9.32
N GLY B 295 3.51 -16.42 -10.58
CA GLY B 295 4.73 -17.09 -10.98
C GLY B 295 5.84 -16.06 -11.11
N PHE B 296 7.08 -16.51 -10.95
CA PHE B 296 8.21 -15.63 -11.21
C PHE B 296 9.38 -16.41 -11.79
N GLN B 297 10.28 -15.67 -12.42
CA GLN B 297 11.45 -16.24 -13.06
C GLN B 297 12.63 -15.32 -12.79
N CYS B 298 13.80 -15.92 -12.59
CA CYS B 298 15.02 -15.17 -12.33
C CYS B 298 16.10 -15.75 -13.25
N PHE B 299 16.71 -14.92 -14.08
CA PHE B 299 17.62 -15.43 -15.09
C PHE B 299 18.67 -14.42 -15.51
N THR B 300 19.91 -14.89 -15.63
CA THR B 300 21.02 -14.07 -16.07
C THR B 300 21.47 -14.49 -17.47
N VAL B 301 21.62 -13.50 -18.33
CA VAL B 301 22.22 -13.70 -19.66
C VAL B 301 23.58 -13.02 -19.66
N THR B 302 24.59 -13.71 -20.16
N THR B 302 24.59 -13.71 -20.16
CA THR B 302 25.97 -13.22 -20.14
CA THR B 302 25.96 -13.20 -20.17
C THR B 302 26.53 -13.13 -21.57
C THR B 302 26.49 -13.08 -21.60
N GLN B 303 27.42 -12.17 -21.82
CA GLN B 303 28.10 -12.10 -23.12
C GLN B 303 28.88 -13.39 -23.36
N VAL C 1 -29.85 3.41 6.11
CA VAL C 1 -29.21 2.92 4.89
C VAL C 1 -29.41 1.41 4.77
N MET C 2 -29.61 0.93 3.54
CA MET C 2 -29.69 -0.50 3.27
C MET C 2 -29.29 -0.79 1.82
N TYR C 3 -28.05 -1.24 1.64
CA TYR C 3 -27.49 -1.55 0.32
C TYR C 3 -26.56 -2.76 0.42
N TYR C 4 -26.29 -3.40 -0.70
CA TYR C 4 -25.19 -4.36 -0.76
C TYR C 4 -24.71 -4.47 -2.19
N GLY C 5 -23.56 -5.08 -2.39
CA GLY C 5 -23.02 -5.12 -3.72
C GLY C 5 -21.67 -5.77 -3.84
N LYS C 6 -20.95 -5.39 -4.88
CA LYS C 6 -19.66 -5.99 -5.19
C LYS C 6 -18.69 -4.90 -5.60
N GLY C 7 -17.48 -4.95 -5.03
CA GLY C 7 -16.43 -4.02 -5.37
C GLY C 7 -15.24 -4.72 -6.02
N ASP C 8 -14.39 -3.94 -6.68
CA ASP C 8 -13.19 -4.45 -7.34
C ASP C 8 -13.53 -5.53 -8.38
N VAL C 9 -14.58 -5.28 -9.13
CA VAL C 9 -14.90 -6.14 -10.27
C VAL C 9 -14.08 -5.64 -11.45
N PHE C 10 -12.89 -6.22 -11.60
CA PHE C 10 -12.05 -5.90 -12.73
C PHE C 10 -12.56 -6.64 -13.96
N ALA C 11 -12.52 -5.97 -15.10
CA ALA C 11 -12.88 -6.61 -16.34
C ALA C 11 -12.09 -5.96 -17.46
N TYR C 12 -11.47 -6.79 -18.29
CA TYR C 12 -10.63 -6.35 -19.39
C TYR C 12 -11.20 -6.90 -20.68
N ARG C 13 -11.39 -6.00 -21.65
CA ARG C 13 -12.03 -6.31 -22.92
C ARG C 13 -11.09 -5.91 -24.05
N THR C 14 -10.95 -6.75 -25.07
CA THR C 14 -10.19 -6.35 -26.24
C THR C 14 -11.14 -5.91 -27.34
N TYR C 15 -10.67 -4.97 -28.15
CA TYR C 15 -11.38 -4.49 -29.34
C TYR C 15 -12.81 -4.04 -29.07
N LEU C 16 -12.95 -3.11 -28.13
CA LEU C 16 -14.19 -2.36 -27.96
C LEU C 16 -14.32 -1.46 -29.18
N LYS C 17 -15.55 -1.12 -29.55
CA LYS C 17 -15.77 -0.16 -30.63
C LYS C 17 -14.94 1.10 -30.38
N PRO C 18 -14.16 1.55 -31.38
CA PRO C 18 -13.35 2.75 -31.14
C PRO C 18 -14.17 4.02 -30.93
N LEU C 19 -13.64 4.93 -30.12
CA LEU C 19 -14.20 6.25 -29.94
C LEU C 19 -13.56 7.18 -30.96
N THR C 20 -14.37 7.75 -31.83
CA THR C 20 -13.87 8.69 -32.83
C THR C 20 -14.95 9.74 -33.06
N GLY C 21 -14.65 10.73 -33.88
CA GLY C 21 -15.62 11.77 -34.15
C GLY C 21 -15.78 12.74 -32.99
N VAL C 22 -14.74 12.85 -32.17
CA VAL C 22 -14.80 13.78 -31.05
C VAL C 22 -14.48 15.20 -31.53
N ARG C 23 -14.89 16.17 -30.73
CA ARG C 23 -14.71 17.58 -31.03
C ARG C 23 -13.46 18.06 -30.31
N THR C 24 -12.54 18.69 -31.05
CA THR C 24 -11.25 19.02 -30.46
C THR C 24 -11.24 20.38 -29.75
N ILE C 25 -10.26 20.55 -28.88
CA ILE C 25 -10.03 21.82 -28.21
C ILE C 25 -8.55 22.19 -28.35
N PRO C 26 -8.24 23.49 -28.24
CA PRO C 26 -6.85 23.93 -28.44
C PRO C 26 -5.84 23.29 -27.49
N GLU C 27 -6.25 23.00 -26.26
CA GLU C 27 -5.30 22.52 -25.27
C GLU C 27 -4.88 21.06 -25.46
N SER C 28 -5.59 20.32 -26.31
CA SER C 28 -5.41 18.87 -26.37
C SER C 28 -5.37 18.30 -27.77
N PRO C 29 -4.41 17.39 -28.05
CA PRO C 29 -4.36 16.70 -29.34
C PRO C 29 -5.34 15.52 -29.40
N PHE C 30 -6.06 15.28 -28.32
CA PHE C 30 -6.93 14.12 -28.20
C PHE C 30 -7.87 14.02 -29.39
N SER C 31 -7.91 12.86 -30.03
CA SER C 31 -8.75 12.67 -31.21
C SER C 31 -9.57 11.38 -31.15
N GLY C 32 -9.52 10.68 -30.02
CA GLY C 32 -10.27 9.44 -29.86
C GLY C 32 -9.51 8.37 -29.11
N ARG C 33 -10.12 7.19 -28.99
CA ARG C 33 -9.54 6.05 -28.31
C ARG C 33 -9.58 4.81 -29.22
N ASP C 34 -8.45 4.12 -29.36
CA ASP C 34 -8.37 2.92 -30.22
C ASP C 34 -9.19 1.75 -29.69
N HIS C 35 -9.17 1.61 -28.36
CA HIS C 35 -9.87 0.55 -27.64
C HIS C 35 -9.44 -0.86 -28.05
N ILE C 36 -8.18 -1.00 -28.44
CA ILE C 36 -7.62 -2.34 -28.60
C ILE C 36 -7.69 -3.08 -27.27
N LEU C 37 -7.42 -2.35 -26.20
CA LEU C 37 -7.46 -2.89 -24.85
C LEU C 37 -8.23 -1.91 -23.98
N PHE C 38 -9.25 -2.41 -23.29
CA PHE C 38 -10.18 -1.61 -22.50
C PHE C 38 -10.35 -2.28 -21.15
N GLY C 39 -9.87 -1.63 -20.08
CA GLY C 39 -10.02 -2.18 -18.75
C GLY C 39 -10.85 -1.29 -17.85
N VAL C 40 -11.66 -1.91 -17.01
CA VAL C 40 -12.49 -1.16 -16.08
C VAL C 40 -12.56 -1.90 -14.73
N ASN C 41 -12.59 -1.11 -13.66
CA ASN C 41 -12.83 -1.61 -12.30
C ASN C 41 -14.19 -1.08 -11.88
N VAL C 42 -15.14 -1.99 -11.70
CA VAL C 42 -16.52 -1.61 -11.40
C VAL C 42 -16.91 -1.93 -9.97
N LYS C 43 -17.63 -1.01 -9.35
CA LYS C 43 -18.27 -1.24 -8.06
C LYS C 43 -19.76 -1.07 -8.28
N ILE C 44 -20.53 -2.06 -7.83
CA ILE C 44 -21.98 -2.04 -7.98
C ILE C 44 -22.63 -2.12 -6.60
N SER C 45 -23.60 -1.24 -6.38
N SER C 45 -23.64 -1.31 -6.38
CA SER C 45 -24.39 -1.22 -5.15
CA SER C 45 -24.36 -1.37 -5.12
C SER C 45 -25.86 -1.28 -5.53
C SER C 45 -25.85 -1.23 -5.43
N VAL C 46 -26.64 -2.06 -4.79
CA VAL C 46 -28.08 -2.15 -5.08
C VAL C 46 -28.89 -2.05 -3.81
N GLY C 47 -30.12 -1.55 -3.99
CA GLY C 47 -31.01 -1.33 -2.88
C GLY C 47 -32.46 -1.58 -3.28
N GLY C 48 -33.32 -1.62 -2.28
CA GLY C 48 -34.73 -1.88 -2.48
C GLY C 48 -35.34 -2.36 -1.18
N THR C 49 -36.53 -1.89 -0.88
CA THR C 49 -37.19 -2.22 0.37
C THR C 49 -37.43 -3.73 0.50
N LYS C 50 -37.52 -4.42 -0.62
CA LYS C 50 -37.76 -5.86 -0.57
C LYS C 50 -36.54 -6.67 -0.11
N LEU C 51 -35.41 -5.98 0.06
CA LEU C 51 -34.20 -6.61 0.61
C LEU C 51 -34.21 -6.66 2.15
N LEU C 52 -35.21 -6.04 2.77
CA LEU C 52 -35.20 -5.88 4.22
C LEU C 52 -35.01 -7.19 4.96
N THR C 53 -35.80 -8.20 4.62
CA THR C 53 -35.78 -9.44 5.40
C THR C 53 -34.50 -10.24 5.18
N SER C 54 -33.70 -9.89 4.17
CA SER C 54 -32.40 -10.56 4.02
C SER C 54 -31.50 -10.13 5.17
N PHE C 55 -31.72 -8.94 5.72
CA PHE C 55 -31.04 -8.51 6.96
C PHE C 55 -31.79 -8.95 8.23
N THR C 56 -33.09 -8.65 8.31
CA THR C 56 -33.81 -8.81 9.57
C THR C 56 -34.16 -10.28 9.89
N LYS C 57 -34.19 -11.14 8.88
CA LYS C 57 -34.60 -12.53 9.07
C LYS C 57 -33.62 -13.58 8.53
N GLY C 58 -32.60 -13.11 7.81
CA GLY C 58 -31.66 -14.03 7.18
C GLY C 58 -32.29 -14.78 6.02
N ASP C 59 -33.28 -14.17 5.40
CA ASP C 59 -34.00 -14.79 4.28
C ASP C 59 -33.34 -14.37 2.97
N ASN C 60 -32.78 -15.33 2.26
CA ASN C 60 -32.00 -15.05 1.06
C ASN C 60 -32.79 -15.19 -0.23
N SER C 61 -34.10 -15.40 -0.13
N SER C 61 -34.10 -15.39 -0.13
CA SER C 61 -34.94 -15.68 -1.30
CA SER C 61 -34.92 -15.71 -1.31
C SER C 61 -34.81 -14.64 -2.41
C SER C 61 -34.83 -14.65 -2.40
N LEU C 62 -34.71 -13.37 -2.02
CA LEU C 62 -34.61 -12.29 -2.99
C LEU C 62 -33.21 -11.72 -3.12
N VAL C 63 -32.22 -12.47 -2.62
CA VAL C 63 -30.83 -12.03 -2.71
C VAL C 63 -30.21 -12.51 -4.01
N VAL C 64 -29.82 -11.56 -4.85
CA VAL C 64 -28.89 -11.79 -5.93
C VAL C 64 -27.50 -11.89 -5.31
N ALA C 65 -26.84 -13.03 -5.44
CA ALA C 65 -25.51 -13.19 -4.85
C ALA C 65 -24.57 -12.11 -5.41
N THR C 66 -23.71 -11.56 -4.57
CA THR C 66 -22.78 -10.56 -5.06
C THR C 66 -21.85 -11.18 -6.11
N ASP C 67 -21.55 -12.47 -5.96
CA ASP C 67 -20.82 -13.21 -6.99
C ASP C 67 -21.54 -13.16 -8.34
N SER C 68 -22.86 -13.23 -8.32
CA SER C 68 -23.65 -13.20 -9.55
C SER C 68 -23.61 -11.80 -10.16
N MET C 69 -23.56 -10.78 -9.32
CA MET C 69 -23.38 -9.40 -9.81
C MET C 69 -22.08 -9.24 -10.58
N LYS C 70 -21.03 -9.88 -10.08
CA LYS C 70 -19.74 -9.86 -10.74
C LYS C 70 -19.87 -10.54 -12.10
N ASN C 71 -20.53 -11.69 -12.14
CA ASN C 71 -20.75 -12.38 -13.42
C ASN C 71 -21.54 -11.51 -14.41
N PHE C 72 -22.55 -10.84 -13.88
CA PHE C 72 -23.41 -9.94 -14.66
C PHE C 72 -22.59 -8.85 -15.35
N ILE C 73 -21.71 -8.20 -14.57
CA ILE C 73 -20.91 -7.10 -15.08
C ILE C 73 -19.94 -7.59 -16.16
N GLN C 74 -19.26 -8.69 -15.86
CA GLN C 74 -18.25 -9.21 -16.79
C GLN C 74 -18.90 -9.70 -18.10
N LYS C 75 -20.05 -10.36 -17.99
CA LYS C 75 -20.78 -10.79 -19.18
C LYS C 75 -21.25 -9.59 -20.02
N HIS C 76 -21.68 -8.52 -19.37
CA HIS C 76 -22.16 -7.35 -20.11
C HIS C 76 -21.01 -6.58 -20.75
N LEU C 77 -19.80 -6.66 -20.21
CA LEU C 77 -18.68 -6.02 -20.90
C LEU C 77 -18.42 -6.73 -22.21
N ALA C 78 -18.65 -8.04 -22.23
CA ALA C 78 -18.44 -8.83 -23.45
C ALA C 78 -19.46 -8.44 -24.54
N SER C 79 -20.67 -8.08 -24.14
CA SER C 79 -21.73 -7.78 -25.12
C SER C 79 -21.87 -6.28 -25.42
N TYR C 80 -21.22 -5.42 -24.63
CA TYR C 80 -21.33 -3.97 -24.81
C TYR C 80 -20.83 -3.52 -26.19
N THR C 81 -21.68 -2.72 -26.85
CA THR C 81 -21.42 -2.27 -28.22
C THR C 81 -21.07 -0.78 -28.29
N GLY C 82 -20.97 -0.13 -27.15
CA GLY C 82 -20.65 1.29 -27.09
C GLY C 82 -19.18 1.60 -26.96
N THR C 83 -18.88 2.85 -26.60
CA THR C 83 -17.52 3.39 -26.70
C THR C 83 -17.00 4.11 -25.46
N THR C 84 -17.77 4.15 -24.38
CA THR C 84 -17.33 4.87 -23.18
C THR C 84 -17.64 4.10 -21.91
N ILE C 85 -16.91 4.40 -20.84
CA ILE C 85 -17.21 3.78 -19.56
C ILE C 85 -18.58 4.26 -19.09
N GLU C 86 -18.89 5.54 -19.34
CA GLU C 86 -20.20 6.08 -18.97
C GLU C 86 -21.34 5.29 -19.62
N GLY C 87 -21.20 4.99 -20.91
CA GLY C 87 -22.21 4.23 -21.62
C GLY C 87 -22.28 2.79 -21.15
N PHE C 88 -21.13 2.23 -20.75
CA PHE C 88 -21.11 0.88 -20.22
C PHE C 88 -21.92 0.83 -18.92
N LEU C 89 -21.77 1.83 -18.06
CA LEU C 89 -22.49 1.83 -16.79
C LEU C 89 -24.00 1.89 -17.04
N GLU C 90 -24.42 2.68 -18.02
CA GLU C 90 -25.84 2.79 -18.31
C GLU C 90 -26.37 1.45 -18.84
N TYR C 91 -25.55 0.78 -19.65
CA TYR C 91 -25.91 -0.51 -20.20
C TYR C 91 -26.12 -1.53 -19.10
N VAL C 92 -25.16 -1.60 -18.19
CA VAL C 92 -25.23 -2.50 -17.05
C VAL C 92 -26.44 -2.18 -16.17
N ALA C 93 -26.62 -0.89 -15.87
CA ALA C 93 -27.68 -0.48 -14.93
C ALA C 93 -29.06 -0.82 -15.47
N THR C 94 -29.31 -0.47 -16.73
CA THR C 94 -30.61 -0.68 -17.33
C THR C 94 -30.90 -2.17 -17.37
N SER C 95 -29.90 -2.93 -17.79
N SER C 95 -29.90 -2.93 -17.78
CA SER C 95 -30.01 -4.38 -17.92
CA SER C 95 -30.03 -4.38 -17.91
C SER C 95 -30.30 -5.04 -16.56
C SER C 95 -30.32 -5.02 -16.56
N PHE C 96 -29.59 -4.60 -15.53
CA PHE C 96 -29.75 -5.17 -14.20
C PHE C 96 -31.15 -4.92 -13.63
N LEU C 97 -31.63 -3.68 -13.72
CA LEU C 97 -32.97 -3.39 -13.21
C LEU C 97 -34.05 -4.12 -14.01
N LYS C 98 -33.83 -4.33 -15.31
CA LYS C 98 -34.78 -5.09 -16.13
C LYS C 98 -34.83 -6.56 -15.69
N LYS C 99 -33.67 -7.09 -15.30
CA LYS C 99 -33.58 -8.49 -14.92
C LYS C 99 -34.20 -8.74 -13.55
N TYR C 100 -33.99 -7.81 -12.63
CA TYR C 100 -34.30 -8.01 -11.22
C TYR C 100 -35.32 -6.98 -10.74
N SER C 101 -36.58 -7.37 -10.82
CA SER C 101 -37.70 -6.44 -10.65
C SER C 101 -37.82 -5.95 -9.21
N HIS C 102 -37.28 -6.69 -8.25
CA HIS C 102 -37.39 -6.33 -6.84
C HIS C 102 -36.32 -5.32 -6.39
N ILE C 103 -35.39 -4.99 -7.28
CA ILE C 103 -34.36 -4.01 -7.00
C ILE C 103 -34.85 -2.64 -7.43
N GLU C 104 -34.76 -1.66 -6.53
CA GLU C 104 -35.33 -0.33 -6.77
C GLU C 104 -34.28 0.70 -7.16
N LYS C 105 -33.03 0.46 -6.81
CA LYS C 105 -31.98 1.41 -7.10
C LYS C 105 -30.67 0.68 -7.33
N ILE C 106 -29.89 1.21 -8.25
CA ILE C 106 -28.56 0.69 -8.50
C ILE C 106 -27.59 1.87 -8.64
N SER C 107 -26.43 1.74 -8.02
N SER C 107 -26.41 1.77 -8.03
CA SER C 107 -25.34 2.69 -8.18
CA SER C 107 -25.36 2.75 -8.25
C SER C 107 -24.16 1.97 -8.80
C SER C 107 -24.07 2.07 -8.67
N LEU C 108 -23.47 2.62 -9.72
CA LEU C 108 -22.27 2.07 -10.34
C LEU C 108 -21.16 3.08 -10.34
N ILE C 109 -19.96 2.60 -9.99
CA ILE C 109 -18.73 3.35 -10.17
C ILE C 109 -17.84 2.58 -11.13
N GLY C 110 -17.31 3.25 -12.15
CA GLY C 110 -16.40 2.62 -13.08
C GLY C 110 -15.12 3.42 -13.11
N GLU C 111 -14.00 2.75 -12.87
CA GLU C 111 -12.69 3.39 -12.97
C GLU C 111 -11.91 2.74 -14.10
N GLU C 112 -11.40 3.57 -15.01
CA GLU C 112 -10.55 3.12 -16.08
C GLU C 112 -9.29 2.48 -15.50
N ILE C 113 -8.88 1.37 -16.12
N ILE C 113 -8.87 1.37 -16.13
CA ILE C 113 -7.57 0.78 -15.90
CA ILE C 113 -7.56 0.79 -15.88
C ILE C 113 -6.77 1.14 -17.14
C ILE C 113 -6.73 1.11 -17.12
N PRO C 114 -5.92 2.18 -17.05
CA PRO C 114 -5.28 2.71 -18.25
C PRO C 114 -4.05 1.96 -18.72
N PHE C 115 -3.91 1.88 -20.04
CA PHE C 115 -2.74 1.31 -20.67
C PHE C 115 -2.17 2.32 -21.66
N GLU C 116 -0.86 2.25 -21.82
CA GLU C 116 -0.15 3.16 -22.69
C GLU C 116 0.50 2.39 -23.84
N THR C 117 0.62 3.08 -24.97
CA THR C 117 1.17 2.48 -26.17
C THR C 117 2.66 2.27 -26.01
N THR C 118 3.20 1.28 -26.71
CA THR C 118 4.62 1.00 -26.71
C THR C 118 5.10 0.90 -28.15
N PHE C 119 6.42 0.92 -28.32
CA PHE C 119 7.02 0.91 -29.65
C PHE C 119 7.65 -0.43 -29.97
N ALA C 120 7.67 -0.77 -31.24
CA ALA C 120 8.31 -1.97 -31.72
C ALA C 120 8.88 -1.75 -33.10
N VAL C 121 9.97 -2.44 -33.39
CA VAL C 121 10.56 -2.41 -34.71
C VAL C 121 10.07 -3.61 -35.51
N LYS C 122 9.42 -3.33 -36.64
CA LYS C 122 9.02 -4.40 -37.57
C LYS C 122 9.07 -3.90 -39.01
N ASN C 123 9.56 -4.75 -39.91
CA ASN C 123 9.56 -4.45 -41.35
C ASN C 123 10.32 -3.19 -41.71
N GLY C 124 11.29 -2.82 -40.86
CA GLY C 124 12.22 -1.76 -41.16
C GLY C 124 12.03 -0.48 -40.36
N ASN C 125 10.88 -0.31 -39.71
CA ASN C 125 10.68 0.91 -38.94
C ASN C 125 10.03 0.70 -37.59
N ARG C 126 10.33 1.65 -36.70
CA ARG C 126 9.79 1.66 -35.37
C ARG C 126 8.43 2.33 -35.39
N ALA C 127 7.44 1.67 -34.81
CA ALA C 127 6.07 2.18 -34.82
C ALA C 127 5.30 1.70 -33.62
N ALA C 128 4.18 2.36 -33.36
CA ALA C 128 3.33 2.00 -32.24
C ALA C 128 2.87 0.55 -32.38
N SER C 129 2.98 -0.21 -31.28
CA SER C 129 2.55 -1.60 -31.30
C SER C 129 1.03 -1.71 -31.15
N GLU C 130 0.45 -2.62 -31.93
CA GLU C 130 -0.97 -2.91 -31.82
C GLU C 130 -1.21 -4.07 -30.87
N LEU C 131 -0.13 -4.60 -30.28
CA LEU C 131 -0.20 -5.79 -29.43
C LEU C 131 0.27 -5.60 -28.00
N VAL C 132 1.34 -4.81 -27.81
CA VAL C 132 1.98 -4.69 -26.51
C VAL C 132 1.66 -3.35 -25.87
N PHE C 133 1.15 -3.40 -24.65
CA PHE C 133 0.75 -2.23 -23.90
C PHE C 133 1.38 -2.19 -22.52
N LYS C 134 1.56 -0.97 -22.01
CA LYS C 134 2.14 -0.78 -20.71
C LYS C 134 1.03 -0.40 -19.73
N LYS C 135 0.91 -1.15 -18.64
CA LYS C 135 -0.08 -0.82 -17.64
C LYS C 135 0.36 0.43 -16.90
N SER C 136 -0.51 1.44 -16.81
CA SER C 136 -0.17 2.68 -16.11
C SER C 136 -0.83 2.81 -14.75
N ARG C 137 -0.04 3.24 -13.78
CA ARG C 137 -0.53 3.47 -12.42
C ARG C 137 -0.65 4.97 -12.15
N ASN C 138 -0.72 5.74 -13.22
CA ASN C 138 -0.90 7.18 -13.11
C ASN C 138 -2.37 7.56 -13.21
N GLU C 139 -2.69 8.68 -13.84
CA GLU C 139 -4.08 9.16 -13.80
C GLU C 139 -5.01 8.27 -14.60
N TYR C 140 -6.29 8.32 -14.23
CA TYR C 140 -7.30 7.45 -14.84
C TYR C 140 -8.68 8.09 -14.82
N ALA C 141 -9.48 7.75 -15.83
CA ALA C 141 -10.83 8.29 -15.95
C ALA C 141 -11.76 7.54 -15.03
N THR C 142 -12.83 8.22 -14.61
CA THR C 142 -13.83 7.62 -13.74
C THR C 142 -15.21 7.96 -14.25
N ALA C 143 -16.19 7.16 -13.83
CA ALA C 143 -17.58 7.42 -14.16
C ALA C 143 -18.46 6.92 -13.04
N TYR C 144 -19.58 7.61 -12.83
CA TYR C 144 -20.52 7.31 -11.77
C TYR C 144 -21.92 7.40 -12.32
N LEU C 145 -22.78 6.46 -11.93
CA LEU C 145 -24.15 6.47 -12.40
C LEU C 145 -25.07 5.88 -11.36
N ASN C 146 -26.16 6.58 -11.06
N ASN C 146 -26.20 6.54 -11.13
CA ASN C 146 -27.24 6.03 -10.25
CA ASN C 146 -27.22 6.03 -10.22
C ASN C 146 -28.49 5.94 -11.09
C ASN C 146 -28.56 5.99 -10.96
N MET C 147 -29.22 4.84 -10.94
CA MET C 147 -30.49 4.64 -11.63
C MET C 147 -31.52 4.07 -10.68
N VAL C 148 -32.77 4.50 -10.83
CA VAL C 148 -33.85 4.02 -9.98
C VAL C 148 -35.01 3.50 -10.79
N ARG C 149 -35.75 2.57 -10.20
CA ARG C 149 -37.02 2.11 -10.75
C ARG C 149 -38.17 2.82 -10.05
N ASN C 150 -38.96 3.53 -10.83
CA ASN C 150 -40.16 4.18 -10.34
C ASN C 150 -41.31 3.20 -10.18
N GLU C 151 -42.37 3.66 -9.54
CA GLU C 151 -43.57 2.86 -9.32
C GLU C 151 -44.09 2.19 -10.61
N ASP C 152 -44.02 2.89 -11.74
CA ASP C 152 -44.59 2.39 -12.99
C ASP C 152 -43.61 1.51 -13.78
N ASN C 153 -42.52 1.11 -13.11
CA ASN C 153 -41.47 0.27 -13.67
C ASN C 153 -40.62 0.96 -14.74
N THR C 154 -40.79 2.27 -14.91
CA THR C 154 -39.86 3.02 -15.74
C THR C 154 -38.57 3.23 -14.96
N LEU C 155 -37.48 3.41 -15.69
CA LEU C 155 -36.16 3.59 -15.09
C LEU C 155 -35.66 5.01 -15.37
N ASN C 156 -35.17 5.67 -14.33
CA ASN C 156 -34.59 7.00 -14.46
C ASN C 156 -33.17 7.08 -13.93
N ILE C 157 -32.31 7.78 -14.65
CA ILE C 157 -31.01 8.13 -14.13
C ILE C 157 -31.20 9.28 -13.15
N THR C 158 -30.69 9.11 -11.93
CA THR C 158 -30.88 10.11 -10.88
C THR C 158 -29.60 10.88 -10.57
N GLU C 159 -28.47 10.35 -11.04
CA GLU C 159 -27.20 11.07 -10.92
C GLU C 159 -26.16 10.49 -11.88
N GLN C 160 -25.38 11.37 -12.49
CA GLN C 160 -24.29 10.95 -13.36
C GLN C 160 -23.12 11.91 -13.18
N GLN C 161 -21.91 11.36 -13.12
CA GLN C 161 -20.73 12.18 -12.99
C GLN C 161 -19.56 11.48 -13.65
N SER C 162 -18.74 12.24 -14.37
CA SER C 162 -17.52 11.69 -14.94
C SER C 162 -16.33 12.34 -14.25
N GLY C 163 -15.16 11.73 -14.37
CA GLY C 163 -14.00 12.34 -13.76
C GLY C 163 -12.65 11.85 -14.24
N LEU C 164 -11.65 12.48 -13.63
CA LEU C 164 -10.24 12.17 -13.83
C LEU C 164 -9.62 12.12 -12.45
N ALA C 165 -9.01 11.00 -12.11
CA ALA C 165 -8.41 10.82 -10.78
C ALA C 165 -6.93 10.57 -10.90
N GLY C 166 -6.19 10.91 -9.85
CA GLY C 166 -4.80 10.52 -9.76
C GLY C 166 -3.84 11.35 -10.60
N LEU C 167 -4.22 12.58 -10.90
CA LEU C 167 -3.34 13.46 -11.67
C LEU C 167 -2.40 14.13 -10.67
N GLN C 168 -1.09 13.99 -10.91
CA GLN C 168 -0.09 14.54 -9.99
C GLN C 168 0.83 15.44 -10.76
N LEU C 169 0.72 16.74 -10.52
CA LEU C 169 1.43 17.74 -11.32
C LEU C 169 2.30 18.62 -10.46
N ILE C 170 3.54 18.82 -10.90
CA ILE C 170 4.44 19.73 -10.20
C ILE C 170 4.92 20.79 -11.19
N LYS C 171 4.89 22.05 -10.74
CA LYS C 171 5.38 23.17 -11.53
C LYS C 171 6.58 23.77 -10.83
N VAL C 172 7.74 23.76 -11.50
CA VAL C 172 9.00 23.99 -10.80
C VAL C 172 9.21 25.45 -10.37
N SER C 173 8.49 26.38 -10.98
CA SER C 173 8.62 27.81 -10.66
C SER C 173 7.33 28.52 -11.06
N GLY C 174 7.21 29.81 -10.72
CA GLY C 174 6.03 30.56 -11.10
C GLY C 174 4.82 30.24 -10.24
N ASN C 175 5.06 30.10 -8.94
CA ASN C 175 4.03 29.86 -7.94
C ASN C 175 4.38 30.60 -6.68
N SER C 176 3.40 31.25 -6.07
CA SER C 176 3.64 31.90 -4.79
C SER C 176 2.55 31.55 -3.79
N PHE C 177 2.89 31.65 -2.52
CA PHE C 177 1.88 31.64 -1.48
C PHE C 177 2.30 32.65 -0.43
N VAL C 178 1.71 33.83 -0.53
CA VAL C 178 2.02 34.94 0.37
C VAL C 178 0.73 35.61 0.82
N GLY C 179 0.81 36.40 1.89
CA GLY C 179 -0.31 37.23 2.31
C GLY C 179 -1.35 36.53 3.18
N PHE C 180 -1.10 35.28 3.53
CA PHE C 180 -2.00 34.55 4.41
C PHE C 180 -1.90 35.05 5.85
N ILE C 181 -2.83 34.59 6.69
CA ILE C 181 -2.91 35.06 8.07
C ILE C 181 -1.67 34.70 8.86
N ARG C 182 -1.08 35.68 9.52
CA ARG C 182 0.09 35.47 10.36
C ARG C 182 -0.26 35.80 11.79
N ASP C 183 -0.51 34.75 12.58
CA ASP C 183 -0.84 34.93 13.98
C ASP C 183 -0.11 33.90 14.84
N GLU C 184 -0.59 33.65 16.05
CA GLU C 184 0.14 32.84 17.00
C GLU C 184 0.22 31.36 16.58
N TYR C 185 -0.54 30.98 15.55
CA TYR C 185 -0.50 29.61 15.04
C TYR C 185 0.30 29.48 13.75
N THR C 186 0.86 30.60 13.27
CA THR C 186 1.53 30.63 11.98
C THR C 186 3.05 30.53 12.12
N THR C 187 3.63 29.49 11.51
CA THR C 187 5.09 29.36 11.40
C THR C 187 5.54 29.23 9.94
N LEU C 188 4.59 29.14 9.03
CA LEU C 188 4.91 28.99 7.61
C LEU C 188 5.48 30.28 7.02
N PRO C 189 6.71 30.23 6.47
CA PRO C 189 7.22 31.45 5.85
C PRO C 189 6.48 31.77 4.56
N GLU C 190 6.31 33.05 4.26
CA GLU C 190 5.81 33.44 2.95
C GLU C 190 6.81 32.92 1.90
N ASP C 191 6.30 32.55 0.74
CA ASP C 191 7.14 31.99 -0.32
C ASP C 191 6.75 32.55 -1.68
N SER C 192 7.64 33.31 -2.30
CA SER C 192 7.31 33.99 -3.54
C SER C 192 7.58 33.12 -4.77
N ASN C 193 8.20 31.96 -4.55
CA ASN C 193 8.54 31.06 -5.65
C ASN C 193 8.74 29.63 -5.17
N ARG C 194 7.66 28.86 -5.17
CA ARG C 194 7.70 27.48 -4.69
C ARG C 194 7.43 26.52 -5.84
N PRO C 195 7.92 25.28 -5.73
CA PRO C 195 7.64 24.25 -6.73
C PRO C 195 6.34 23.52 -6.42
N LEU C 196 5.22 24.21 -6.62
CA LEU C 196 3.92 23.69 -6.26
C LEU C 196 3.65 22.31 -6.87
N PHE C 197 3.36 21.36 -5.99
CA PHE C 197 3.08 19.98 -6.36
C PHE C 197 1.68 19.65 -5.88
N VAL C 198 0.75 19.49 -6.82
CA VAL C 198 -0.64 19.21 -6.50
C VAL C 198 -1.10 17.85 -7.02
N TYR C 199 -1.89 17.16 -6.20
CA TYR C 199 -2.71 16.04 -6.67
C TYR C 199 -4.07 16.58 -7.06
N LEU C 200 -4.57 16.18 -8.23
CA LEU C 200 -5.88 16.63 -8.67
C LEU C 200 -6.83 15.48 -8.97
N ASN C 201 -8.04 15.62 -8.44
CA ASN C 201 -9.17 14.79 -8.82
C ASN C 201 -10.21 15.77 -9.34
N ILE C 202 -10.61 15.59 -10.60
CA ILE C 202 -11.51 16.51 -11.27
C ILE C 202 -12.74 15.75 -11.72
N LYS C 203 -13.92 16.26 -11.37
CA LYS C 203 -15.18 15.60 -11.73
C LYS C 203 -16.09 16.59 -12.41
N TRP C 204 -16.79 16.15 -13.45
CA TRP C 204 -17.68 17.04 -14.19
C TRP C 204 -19.04 16.39 -14.38
N LYS C 205 -20.04 17.25 -14.52
CA LYS C 205 -21.41 16.86 -14.72
C LYS C 205 -21.95 17.55 -15.94
N TYR C 206 -22.67 16.80 -16.76
CA TYR C 206 -23.25 17.29 -17.99
C TYR C 206 -24.64 17.91 -17.74
N LYS C 207 -24.98 18.91 -18.54
CA LYS C 207 -26.35 19.43 -18.58
C LYS C 207 -27.30 18.32 -19.02
N ASN C 208 -26.87 17.56 -20.02
CA ASN C 208 -27.66 16.49 -20.59
C ASN C 208 -26.95 15.15 -20.45
N THR C 209 -27.51 14.24 -19.67
CA THR C 209 -26.82 12.99 -19.34
C THR C 209 -26.51 12.17 -20.60
N GLU C 210 -27.34 12.31 -21.64
CA GLU C 210 -27.12 11.63 -22.91
C GLU C 210 -25.75 11.93 -23.51
N ASP C 211 -25.26 13.14 -23.27
CA ASP C 211 -23.96 13.56 -23.80
C ASP C 211 -22.78 12.78 -23.23
N SER C 212 -22.98 12.15 -22.07
CA SER C 212 -21.91 11.39 -21.43
C SER C 212 -21.67 10.04 -22.10
N PHE C 213 -22.62 9.53 -22.88
CA PHE C 213 -22.57 8.14 -23.34
C PHE C 213 -21.68 7.92 -24.55
N GLY C 214 -21.46 8.97 -25.34
CA GLY C 214 -20.62 8.87 -26.51
C GLY C 214 -21.34 8.47 -27.78
N THR C 215 -22.67 8.36 -27.71
CA THR C 215 -23.46 7.96 -28.88
C THR C 215 -23.41 9.05 -29.95
N ASN C 216 -23.43 10.32 -29.52
CA ASN C 216 -23.03 11.45 -30.36
C ASN C 216 -21.68 11.95 -29.83
N PRO C 217 -20.57 11.40 -30.35
CA PRO C 217 -19.27 11.62 -29.71
C PRO C 217 -18.82 13.07 -29.69
N GLU C 218 -19.38 13.92 -30.54
CA GLU C 218 -19.00 15.31 -30.56
C GLU C 218 -19.39 16.03 -29.26
N ASN C 219 -20.34 15.47 -28.50
CA ASN C 219 -20.75 16.09 -27.22
C ASN C 219 -20.07 15.49 -26.00
N TYR C 220 -19.24 14.48 -26.22
CA TYR C 220 -18.53 13.81 -25.15
C TYR C 220 -17.34 14.64 -24.66
N VAL C 221 -17.14 14.65 -23.35
CA VAL C 221 -16.00 15.35 -22.75
C VAL C 221 -15.00 14.30 -22.26
N ALA C 222 -13.83 14.24 -22.89
CA ALA C 222 -12.87 13.18 -22.58
C ALA C 222 -11.93 13.59 -21.46
N ALA C 223 -11.65 12.66 -20.55
CA ALA C 223 -10.73 12.88 -19.45
C ALA C 223 -9.38 13.35 -19.95
N GLU C 224 -8.98 12.85 -21.11
CA GLU C 224 -7.71 13.26 -21.73
C GLU C 224 -7.68 14.75 -22.02
N GLN C 225 -8.81 15.28 -22.48
CA GLN C 225 -8.89 16.70 -22.76
C GLN C 225 -8.86 17.53 -21.48
N ILE C 226 -9.52 17.01 -20.45
CA ILE C 226 -9.55 17.68 -19.16
C ILE C 226 -8.14 17.75 -18.59
N ARG C 227 -7.42 16.64 -18.70
CA ARG C 227 -6.04 16.58 -18.23
C ARG C 227 -5.21 17.65 -18.90
N ASP C 228 -5.36 17.79 -20.22
CA ASP C 228 -4.56 18.73 -21.00
C ASP C 228 -4.91 20.19 -20.67
N ILE C 229 -6.18 20.45 -20.37
CA ILE C 229 -6.57 21.77 -19.87
C ILE C 229 -5.88 22.07 -18.54
N ALA C 230 -5.85 21.11 -17.62
CA ALA C 230 -5.24 21.34 -16.32
C ALA C 230 -3.76 21.65 -16.45
N THR C 231 -3.05 20.90 -17.29
CA THR C 231 -1.61 21.15 -17.42
C THR C 231 -1.37 22.48 -18.11
N SER C 232 -2.18 22.82 -19.11
CA SER C 232 -2.01 24.09 -19.81
C SER C 232 -2.24 25.26 -18.85
N VAL C 233 -3.34 25.22 -18.12
CA VAL C 233 -3.68 26.33 -17.24
C VAL C 233 -2.63 26.47 -16.13
N PHE C 234 -2.15 25.35 -15.61
CA PHE C 234 -1.12 25.37 -14.57
C PHE C 234 0.12 26.09 -15.12
N HIS C 235 0.52 25.74 -16.33
CA HIS C 235 1.67 26.34 -16.97
C HIS C 235 1.49 27.85 -17.16
N GLU C 236 0.32 28.24 -17.66
CA GLU C 236 0.03 29.62 -18.01
C GLU C 236 -0.04 30.56 -16.81
N THR C 237 -0.43 30.01 -15.67
CA THR C 237 -0.80 30.79 -14.49
C THR C 237 0.34 31.00 -13.51
N GLU C 238 0.58 32.26 -13.14
CA GLU C 238 1.38 32.57 -11.98
C GLU C 238 0.53 32.31 -10.75
N THR C 239 0.57 31.10 -10.21
CA THR C 239 -0.39 30.72 -9.19
C THR C 239 -0.14 31.47 -7.88
N LEU C 240 -1.23 31.79 -7.20
CA LEU C 240 -1.22 32.52 -5.96
C LEU C 240 -1.60 31.61 -4.78
N SER C 241 -2.14 30.44 -5.12
CA SER C 241 -2.53 29.40 -4.18
C SER C 241 -3.08 28.24 -5.01
N ILE C 242 -3.32 27.10 -4.38
CA ILE C 242 -3.99 26.01 -5.08
C ILE C 242 -5.43 26.39 -5.36
N GLN C 243 -6.04 27.07 -4.40
CA GLN C 243 -7.40 27.58 -4.51
C GLN C 243 -7.57 28.37 -5.81
N HIS C 244 -6.63 29.28 -6.01
CA HIS C 244 -6.58 30.17 -7.18
C HIS C 244 -6.43 29.36 -8.47
N LEU C 245 -5.53 28.39 -8.44
CA LEU C 245 -5.29 27.55 -9.60
C LEU C 245 -6.54 26.75 -9.99
N ILE C 246 -7.19 26.08 -9.04
CA ILE C 246 -8.25 25.18 -9.44
C ILE C 246 -9.48 25.97 -9.92
N TYR C 247 -9.70 27.16 -9.39
CA TYR C 247 -10.77 28.00 -9.94
C TYR C 247 -10.51 28.29 -11.42
N LEU C 248 -9.28 28.65 -11.75
CA LEU C 248 -8.93 28.97 -13.13
C LEU C 248 -9.02 27.74 -14.04
N ILE C 249 -8.63 26.57 -13.56
CA ILE C 249 -8.77 25.34 -14.34
C ILE C 249 -10.26 25.10 -14.59
N GLY C 250 -11.06 25.29 -13.55
CA GLY C 250 -12.49 25.09 -13.65
C GLY C 250 -13.14 26.01 -14.66
N ARG C 251 -12.76 27.29 -14.63
CA ARG C 251 -13.31 28.25 -15.57
C ARG C 251 -12.98 27.86 -17.01
N ARG C 252 -11.75 27.42 -17.25
CA ARG C 252 -11.34 27.05 -18.61
C ARG C 252 -12.10 25.81 -19.10
N ILE C 253 -12.28 24.84 -18.23
CA ILE C 253 -13.02 23.62 -18.56
C ILE C 253 -14.43 24.01 -19.00
N LEU C 254 -15.09 24.87 -18.22
CA LEU C 254 -16.46 25.25 -18.52
C LEU C 254 -16.56 26.10 -19.78
N GLU C 255 -15.50 26.85 -20.09
CA GLU C 255 -15.47 27.63 -21.32
C GLU C 255 -15.29 26.73 -22.54
N ARG C 256 -14.44 25.72 -22.43
CA ARG C 256 -14.18 24.80 -23.54
C ARG C 256 -15.33 23.84 -23.80
N PHE C 257 -16.10 23.56 -22.76
CA PHE C 257 -17.17 22.57 -22.84
C PHE C 257 -18.48 23.16 -22.33
N PRO C 258 -19.17 23.92 -23.19
CA PRO C 258 -20.42 24.59 -22.80
C PRO C 258 -21.50 23.62 -22.39
N GLN C 259 -21.38 22.37 -22.80
CA GLN C 259 -22.37 21.35 -22.48
C GLN C 259 -22.26 20.84 -21.05
N LEU C 260 -21.22 21.25 -20.32
CA LEU C 260 -21.08 20.88 -18.92
C LEU C 260 -21.84 21.84 -18.02
N GLN C 261 -22.40 21.30 -16.93
CA GLN C 261 -23.09 22.12 -15.94
C GLN C 261 -22.15 22.60 -14.84
N GLU C 262 -21.21 21.74 -14.43
CA GLU C 262 -20.30 22.08 -13.33
C GLU C 262 -19.07 21.19 -13.33
N VAL C 263 -18.03 21.67 -12.65
CA VAL C 263 -16.79 20.93 -12.43
C VAL C 263 -16.42 21.01 -10.96
N TYR C 264 -16.05 19.86 -10.39
CA TYR C 264 -15.71 19.74 -8.97
C TYR C 264 -14.27 19.27 -8.80
N PHE C 265 -13.52 19.98 -7.98
CA PHE C 265 -12.12 19.67 -7.70
C PHE C 265 -11.92 19.19 -6.29
N GLU C 266 -11.13 18.14 -6.16
CA GLU C 266 -10.49 17.76 -4.91
C GLU C 266 -8.99 17.78 -5.16
N SER C 267 -8.31 18.73 -4.53
CA SER C 267 -6.87 18.88 -4.70
C SER C 267 -6.15 18.64 -3.40
N GLN C 268 -4.89 18.19 -3.50
CA GLN C 268 -4.03 18.05 -2.33
C GLN C 268 -2.69 18.70 -2.60
N ASN C 269 -2.12 19.28 -1.56
CA ASN C 269 -0.82 19.92 -1.62
C ASN C 269 0.27 18.98 -1.13
N HIS C 270 1.21 18.63 -2.02
CA HIS C 270 2.31 17.74 -1.66
C HIS C 270 3.66 18.38 -1.98
N THR C 271 3.67 19.69 -1.92
CA THR C 271 4.87 20.46 -2.26
C THR C 271 6.05 20.11 -1.37
N TRP C 272 7.19 19.93 -2.02
CA TRP C 272 8.43 19.54 -1.34
C TRP C 272 8.99 20.65 -0.47
N ASP C 273 9.72 20.24 0.56
CA ASP C 273 10.46 21.15 1.42
C ASP C 273 11.81 21.48 0.82
N LYS C 274 12.21 22.74 0.89
CA LYS C 274 13.52 23.15 0.42
C LYS C 274 14.57 22.82 1.49
N ILE C 275 15.69 22.21 1.10
CA ILE C 275 16.73 21.85 2.07
C ILE C 275 17.54 23.09 2.46
N LYS C 285 19.78 23.94 -6.48
CA LYS C 285 18.56 23.98 -5.67
C LYS C 285 18.05 22.57 -5.42
N VAL C 286 17.89 22.20 -4.14
CA VAL C 286 17.45 20.84 -3.78
C VAL C 286 16.29 20.80 -2.80
N TYR C 287 15.33 19.92 -3.06
CA TYR C 287 14.13 19.79 -2.26
C TYR C 287 14.01 18.36 -1.77
N THR C 288 13.18 18.15 -0.77
CA THR C 288 12.92 16.80 -0.29
C THR C 288 11.48 16.64 0.16
N GLU C 289 11.09 15.40 0.45
CA GLU C 289 9.72 15.11 0.84
C GLU C 289 9.35 15.75 2.18
N PRO C 290 8.11 16.27 2.28
CA PRO C 290 7.65 16.89 3.51
C PRO C 290 7.18 15.85 4.52
N ARG C 291 6.85 16.31 5.72
CA ARG C 291 6.15 15.48 6.68
C ARG C 291 4.79 15.10 6.10
N PRO C 292 4.14 14.06 6.67
CA PRO C 292 2.91 13.52 6.07
C PRO C 292 1.69 14.47 5.93
N PRO C 293 1.47 15.41 6.87
CA PRO C 293 0.24 16.20 6.72
C PRO C 293 0.16 16.93 5.38
N TYR C 294 -1.01 16.89 4.75
CA TYR C 294 -1.21 17.49 3.44
C TYR C 294 -2.40 18.43 3.46
N GLY C 295 -2.24 19.56 2.78
CA GLY C 295 -3.35 20.47 2.62
C GLY C 295 -4.28 19.95 1.54
N PHE C 296 -5.55 20.30 1.62
CA PHE C 296 -6.46 19.95 0.55
C PHE C 296 -7.50 21.03 0.35
N GLN C 297 -8.08 21.03 -0.84
CA GLN C 297 -9.08 22.01 -1.21
C GLN C 297 -10.18 21.28 -1.96
N CYS C 298 -11.41 21.75 -1.78
CA CYS C 298 -12.57 21.17 -2.42
C CYS C 298 -13.39 22.33 -2.97
N PHE C 299 -13.64 22.35 -4.28
CA PHE C 299 -14.31 23.51 -4.87
C PHE C 299 -15.07 23.13 -6.13
N THR C 300 -16.28 23.68 -6.25
CA THR C 300 -17.15 23.51 -7.40
C THR C 300 -17.27 24.80 -8.19
N VAL C 301 -17.04 24.70 -9.49
CA VAL C 301 -17.28 25.79 -10.43
C VAL C 301 -18.49 25.44 -11.27
N THR C 302 -19.44 26.36 -11.41
CA THR C 302 -20.67 26.11 -12.18
C THR C 302 -20.78 27.07 -13.37
N GLN C 303 -21.47 26.65 -14.42
CA GLN C 303 -21.73 27.57 -15.54
C GLN C 303 -22.48 28.81 -15.06
N VAL D 1 -19.77 23.36 -3.61
CA VAL D 1 -18.87 22.96 -2.53
C VAL D 1 -17.71 23.95 -2.43
N MET D 2 -17.34 24.33 -1.21
CA MET D 2 -16.20 25.20 -0.99
C MET D 2 -15.61 24.98 0.40
N TYR D 3 -14.61 24.12 0.46
CA TYR D 3 -13.93 23.79 1.71
C TYR D 3 -12.44 23.71 1.47
N TYR D 4 -11.66 23.82 2.54
CA TYR D 4 -10.25 23.46 2.47
C TYR D 4 -9.78 23.08 3.86
N GLY D 5 -8.62 22.46 3.94
CA GLY D 5 -8.14 22.01 5.23
C GLY D 5 -6.86 21.20 5.18
N LYS D 6 -6.68 20.36 6.20
CA LYS D 6 -5.46 19.57 6.36
C LYS D 6 -5.81 18.14 6.71
N GLY D 7 -5.16 17.18 6.04
CA GLY D 7 -5.35 15.77 6.32
C GLY D 7 -4.07 15.14 6.86
N ASP D 8 -4.20 13.96 7.45
CA ASP D 8 -3.06 13.23 8.01
C ASP D 8 -2.27 14.09 9.02
N VAL D 9 -3.01 14.79 9.88
CA VAL D 9 -2.38 15.48 11.00
C VAL D 9 -2.22 14.46 12.13
N PHE D 10 -1.09 13.77 12.14
CA PHE D 10 -0.78 12.86 13.22
C PHE D 10 -0.33 13.66 14.44
N ALA D 11 -0.78 13.22 15.60
CA ALA D 11 -0.35 13.84 16.84
C ALA D 11 -0.36 12.79 17.92
N TYR D 12 0.76 12.71 18.64
CA TYR D 12 0.95 11.74 19.71
C TYR D 12 1.22 12.47 21.02
N ARG D 13 0.41 12.14 22.02
CA ARG D 13 0.47 12.76 23.33
C ARG D 13 0.76 11.67 24.35
N THR D 14 1.64 11.95 25.31
CA THR D 14 1.83 11.04 26.43
C THR D 14 1.04 11.53 27.65
N TYR D 15 0.58 10.57 28.45
CA TYR D 15 -0.10 10.86 29.70
C TYR D 15 -1.27 11.82 29.55
N LEU D 16 -2.20 11.48 28.68
CA LEU D 16 -3.49 12.14 28.65
C LEU D 16 -4.21 11.70 29.92
N LYS D 17 -5.15 12.50 30.40
CA LYS D 17 -5.97 12.11 31.53
C LYS D 17 -6.59 10.74 31.27
N PRO D 18 -6.44 9.78 32.19
CA PRO D 18 -7.01 8.46 31.88
C PRO D 18 -8.53 8.46 31.77
N LEU D 19 -9.05 7.62 30.87
CA LEU D 19 -10.47 7.34 30.84
C LEU D 19 -10.78 6.27 31.89
N THR D 20 -11.60 6.62 32.87
CA THR D 20 -11.94 5.70 33.96
C THR D 20 -13.44 5.73 34.24
N GLY D 21 -13.92 4.70 34.91
CA GLY D 21 -15.30 4.65 35.37
C GLY D 21 -16.32 4.32 34.29
N VAL D 22 -15.88 3.74 33.18
CA VAL D 22 -16.80 3.35 32.12
C VAL D 22 -17.64 2.18 32.60
N ARG D 23 -18.94 2.21 32.29
CA ARG D 23 -19.85 1.15 32.66
C ARG D 23 -19.51 -0.12 31.88
N THR D 24 -19.24 -1.21 32.58
CA THR D 24 -18.86 -2.45 31.91
C THR D 24 -20.11 -3.19 31.40
N ILE D 25 -19.89 -4.08 30.45
CA ILE D 25 -20.95 -4.95 29.93
C ILE D 25 -20.45 -6.40 29.93
N PRO D 26 -21.37 -7.37 29.89
CA PRO D 26 -20.98 -8.78 29.94
C PRO D 26 -19.97 -9.18 28.86
N GLU D 27 -20.12 -8.63 27.66
CA GLU D 27 -19.29 -9.04 26.53
C GLU D 27 -17.84 -8.57 26.62
N SER D 28 -17.55 -7.60 27.48
CA SER D 28 -16.25 -6.93 27.44
C SER D 28 -15.63 -6.64 28.82
N PRO D 29 -14.34 -6.94 28.99
CA PRO D 29 -13.65 -6.57 30.24
C PRO D 29 -13.36 -5.06 30.33
N PHE D 30 -13.47 -4.37 29.20
CA PHE D 30 -13.09 -2.95 29.12
C PHE D 30 -13.67 -2.07 30.23
N SER D 31 -12.80 -1.32 30.91
CA SER D 31 -13.24 -0.40 31.95
C SER D 31 -12.67 1.00 31.77
N GLY D 32 -11.74 1.15 30.83
CA GLY D 32 -11.07 2.42 30.64
C GLY D 32 -9.79 2.32 29.85
N ARG D 33 -9.13 3.46 29.71
CA ARG D 33 -7.88 3.58 28.97
C ARG D 33 -6.85 4.32 29.82
N ASP D 34 -5.66 3.73 29.96
CA ASP D 34 -4.59 4.31 30.78
C ASP D 34 -4.05 5.62 30.19
N HIS D 35 -4.04 5.69 28.85
CA HIS D 35 -3.59 6.87 28.10
C HIS D 35 -2.13 7.27 28.36
N ILE D 36 -1.28 6.29 28.66
CA ILE D 36 0.14 6.57 28.74
C ILE D 36 0.60 7.10 27.38
N LEU D 37 0.05 6.50 26.32
CA LEU D 37 0.30 6.94 24.96
C LEU D 37 -1.05 7.13 24.28
N PHE D 38 -1.23 8.27 23.65
CA PHE D 38 -2.49 8.64 23.00
C PHE D 38 -2.17 9.21 21.62
N GLY D 39 -2.53 8.47 20.57
CA GLY D 39 -2.23 8.89 19.21
C GLY D 39 -3.49 9.13 18.42
N VAL D 40 -3.51 10.19 17.61
CA VAL D 40 -4.66 10.48 16.78
C VAL D 40 -4.22 11.01 15.41
N ASN D 41 -4.97 10.61 14.37
CA ASN D 41 -4.80 11.13 13.03
C ASN D 41 -6.02 12.00 12.74
N VAL D 42 -5.81 13.31 12.61
CA VAL D 42 -6.92 14.25 12.46
C VAL D 42 -6.98 14.82 11.05
N LYS D 43 -8.20 14.94 10.53
CA LYS D 43 -8.45 15.69 9.31
C LYS D 43 -9.41 16.83 9.63
N ILE D 44 -9.04 18.04 9.22
CA ILE D 44 -9.85 19.23 9.49
C ILE D 44 -10.25 19.87 8.16
N SER D 45 -11.53 20.20 8.04
CA SER D 45 -12.08 20.90 6.88
C SER D 45 -12.86 22.11 7.36
N VAL D 46 -12.66 23.26 6.72
CA VAL D 46 -13.37 24.45 7.13
C VAL D 46 -14.01 25.13 5.91
N GLY D 47 -15.08 25.88 6.18
CA GLY D 47 -15.79 26.59 5.14
C GLY D 47 -16.38 27.89 5.66
N GLY D 48 -16.85 28.71 4.74
CA GLY D 48 -17.41 30.01 5.09
C GLY D 48 -17.43 30.85 3.83
N THR D 49 -18.50 31.61 3.66
CA THR D 49 -18.68 32.37 2.44
C THR D 49 -17.55 33.37 2.24
N LYS D 50 -16.91 33.78 3.33
CA LYS D 50 -15.81 34.75 3.26
C LYS D 50 -14.54 34.15 2.64
N LEU D 51 -14.54 32.84 2.41
CA LEU D 51 -13.42 32.18 1.72
C LEU D 51 -13.48 32.34 0.20
N LEU D 52 -14.57 32.89 -0.32
CA LEU D 52 -14.81 32.86 -1.77
C LEU D 52 -13.70 33.47 -2.60
N THR D 53 -13.20 34.64 -2.19
CA THR D 53 -12.21 35.32 -3.01
C THR D 53 -10.84 34.65 -2.95
N SER D 54 -10.61 33.78 -1.97
CA SER D 54 -9.35 33.03 -1.95
C SER D 54 -9.30 32.13 -3.18
N PHE D 55 -10.47 31.69 -3.63
CA PHE D 55 -10.57 30.95 -4.88
C PHE D 55 -10.70 31.84 -6.11
N THR D 56 -11.63 32.78 -6.07
CA THR D 56 -11.98 33.52 -7.28
C THR D 56 -11.00 34.63 -7.64
N LYS D 57 -10.22 35.11 -6.67
CA LYS D 57 -9.30 36.22 -6.91
C LYS D 57 -7.86 35.94 -6.49
N GLY D 58 -7.63 34.81 -5.84
CA GLY D 58 -6.31 34.48 -5.35
C GLY D 58 -5.93 35.36 -4.18
N ASP D 59 -6.94 35.81 -3.44
CA ASP D 59 -6.77 36.71 -2.30
C ASP D 59 -6.61 35.89 -1.02
N ASN D 60 -5.42 35.97 -0.42
CA ASN D 60 -5.13 35.12 0.74
C ASN D 60 -5.36 35.83 2.07
N SER D 61 -5.97 37.01 2.04
CA SER D 61 -6.21 37.82 3.23
C SER D 61 -6.88 37.08 4.38
N LEU D 62 -7.91 36.29 4.08
CA LEU D 62 -8.62 35.52 5.10
C LEU D 62 -8.30 34.03 5.01
N VAL D 63 -7.13 33.69 4.51
CA VAL D 63 -6.69 32.30 4.50
C VAL D 63 -5.84 31.98 5.73
N VAL D 64 -6.41 31.17 6.62
CA VAL D 64 -5.61 30.46 7.61
C VAL D 64 -4.82 29.40 6.86
N ALA D 65 -3.49 29.44 6.92
CA ALA D 65 -2.70 28.46 6.20
C ALA D 65 -3.03 27.06 6.74
N THR D 66 -3.12 26.08 5.84
CA THR D 66 -3.39 24.71 6.27
C THR D 66 -2.30 24.25 7.22
N ASP D 67 -1.06 24.70 7.00
CA ASP D 67 0.02 24.45 7.94
C ASP D 67 -0.33 24.97 9.33
N SER D 68 -0.98 26.13 9.39
CA SER D 68 -1.36 26.70 10.68
C SER D 68 -2.45 25.89 11.36
N MET D 69 -3.33 25.28 10.58
CA MET D 69 -4.35 24.39 11.13
C MET D 69 -3.70 23.20 11.80
N LYS D 70 -2.67 22.67 11.16
CA LYS D 70 -1.91 21.57 11.72
C LYS D 70 -1.30 22.00 13.06
N ASN D 71 -0.70 23.19 13.10
CA ASN D 71 -0.15 23.73 14.34
C ASN D 71 -1.22 23.86 15.42
N PHE D 72 -2.38 24.33 15.01
CA PHE D 72 -3.53 24.52 15.89
C PHE D 72 -3.93 23.20 16.55
N ILE D 73 -4.11 22.17 15.73
CA ILE D 73 -4.49 20.86 16.22
C ILE D 73 -3.45 20.30 17.19
N GLN D 74 -2.18 20.38 16.82
CA GLN D 74 -1.13 19.80 17.65
C GLN D 74 -0.99 20.55 18.97
N LYS D 75 -1.08 21.88 18.94
CA LYS D 75 -1.03 22.66 20.17
C LYS D 75 -2.22 22.37 21.09
N HIS D 76 -3.39 22.12 20.51
CA HIS D 76 -4.54 21.81 21.32
C HIS D 76 -4.51 20.40 21.90
N LEU D 77 -3.78 19.48 21.26
CA LEU D 77 -3.65 18.18 21.89
C LEU D 77 -2.81 18.30 23.16
N ALA D 78 -1.86 19.25 23.15
CA ALA D 78 -1.03 19.49 24.31
C ALA D 78 -1.81 20.05 25.49
N SER D 79 -2.82 20.87 25.21
CA SER D 79 -3.60 21.51 26.28
C SER D 79 -4.90 20.77 26.64
N TYR D 80 -5.29 19.79 25.82
CA TYR D 80 -6.54 19.05 26.04
C TYR D 80 -6.55 18.35 27.40
N THR D 81 -7.62 18.61 28.17
CA THR D 81 -7.73 18.09 29.53
C THR D 81 -8.75 16.95 29.64
N GLY D 82 -9.32 16.55 28.51
CA GLY D 82 -10.32 15.48 28.48
C GLY D 82 -9.73 14.10 28.24
N THR D 83 -10.59 13.16 27.86
CA THR D 83 -10.26 11.74 27.92
C THR D 83 -10.68 10.93 26.70
N THR D 84 -11.22 11.58 25.67
CA THR D 84 -11.66 10.87 24.47
C THR D 84 -11.32 11.63 23.20
N ILE D 85 -11.25 10.90 22.09
CA ILE D 85 -11.06 11.55 20.79
C ILE D 85 -12.28 12.40 20.46
N GLU D 86 -13.46 11.91 20.77
CA GLU D 86 -14.70 12.68 20.57
C GLU D 86 -14.61 14.05 21.27
N GLY D 87 -14.17 14.04 22.52
CA GLY D 87 -14.05 15.26 23.29
C GLY D 87 -12.98 16.17 22.75
N PHE D 88 -11.89 15.56 22.26
CA PHE D 88 -10.82 16.33 21.66
C PHE D 88 -11.31 17.08 20.42
N LEU D 89 -12.10 16.41 19.59
CA LEU D 89 -12.61 17.07 18.39
C LEU D 89 -13.49 18.26 18.79
N GLU D 90 -14.31 18.11 19.83
CA GLU D 90 -15.17 19.21 20.24
C GLU D 90 -14.32 20.38 20.72
N TYR D 91 -13.24 20.06 21.44
CA TYR D 91 -12.33 21.08 21.97
C TYR D 91 -11.71 21.89 20.84
N VAL D 92 -11.20 21.18 19.84
CA VAL D 92 -10.62 21.80 18.66
C VAL D 92 -11.63 22.63 17.86
N ALA D 93 -12.81 22.07 17.62
CA ALA D 93 -13.83 22.75 16.83
C ALA D 93 -14.27 24.06 17.48
N THR D 94 -14.60 23.99 18.75
CA THR D 94 -15.08 25.16 19.47
C THR D 94 -14.00 26.23 19.49
N SER D 95 -12.77 25.80 19.78
N SER D 95 -12.77 25.81 19.77
CA SER D 95 -11.64 26.72 19.86
CA SER D 95 -11.66 26.75 19.87
C SER D 95 -11.37 27.41 18.53
C SER D 95 -11.35 27.41 18.53
N PHE D 96 -11.46 26.64 17.44
CA PHE D 96 -11.17 27.17 16.12
C PHE D 96 -12.21 28.19 15.70
N LEU D 97 -13.49 27.87 15.91
CA LEU D 97 -14.55 28.80 15.57
C LEU D 97 -14.47 30.06 16.46
N LYS D 98 -14.07 29.91 17.71
CA LYS D 98 -13.89 31.08 18.59
C LYS D 98 -12.76 31.98 18.10
N LYS D 99 -11.70 31.37 17.57
CA LYS D 99 -10.53 32.10 17.10
C LYS D 99 -10.78 32.82 15.79
N TYR D 100 -11.45 32.14 14.85
CA TYR D 100 -11.55 32.64 13.48
C TYR D 100 -12.99 32.92 13.12
N SER D 101 -13.36 34.18 13.29
CA SER D 101 -14.75 34.61 13.18
C SER D 101 -15.29 34.46 11.76
N HIS D 102 -14.39 34.42 10.78
CA HIS D 102 -14.80 34.36 9.37
C HIS D 102 -15.12 32.93 8.91
N ILE D 103 -14.92 31.96 9.79
CA ILE D 103 -15.22 30.56 9.47
C ILE D 103 -16.61 30.21 9.99
N GLU D 104 -17.43 29.62 9.13
CA GLU D 104 -18.82 29.30 9.48
C GLU D 104 -19.06 27.83 9.76
N LYS D 105 -18.18 26.96 9.26
CA LYS D 105 -18.34 25.52 9.39
C LYS D 105 -17.00 24.85 9.58
N ILE D 106 -16.95 23.87 10.48
CA ILE D 106 -15.77 23.05 10.63
C ILE D 106 -16.18 21.59 10.73
N SER D 107 -15.50 20.74 9.97
N SER D 107 -15.50 20.75 9.95
N SER D 107 -15.47 20.73 10.00
CA SER D 107 -15.66 19.30 10.05
CA SER D 107 -15.65 19.31 10.05
CA SER D 107 -15.69 19.28 10.03
C SER D 107 -14.36 18.67 10.51
C SER D 107 -14.36 18.74 10.59
C SER D 107 -14.40 18.57 10.42
N LEU D 108 -14.47 17.72 11.43
CA LEU D 108 -13.29 17.04 11.96
C LEU D 108 -13.47 15.54 11.91
N ILE D 109 -12.43 14.85 11.46
CA ILE D 109 -12.37 13.40 11.59
C ILE D 109 -11.15 13.07 12.44
N GLY D 110 -11.33 12.19 13.41
CA GLY D 110 -10.23 11.74 14.24
C GLY D 110 -10.16 10.23 14.21
N GLU D 111 -8.99 9.69 13.89
CA GLU D 111 -8.79 8.25 13.89
C GLU D 111 -7.74 7.90 14.93
N GLU D 112 -8.08 6.97 15.82
CA GLU D 112 -7.14 6.48 16.80
C GLU D 112 -5.96 5.83 16.11
N ILE D 113 -4.77 6.11 16.63
N ILE D 113 -4.77 6.08 16.65
CA ILE D 113 -3.59 5.33 16.31
CA ILE D 113 -3.59 5.32 16.30
C ILE D 113 -3.38 4.41 17.51
C ILE D 113 -3.32 4.39 17.48
N PRO D 114 -3.72 3.11 17.35
CA PRO D 114 -3.76 2.22 18.52
C PRO D 114 -2.40 1.64 18.90
N PHE D 115 -2.19 1.51 20.21
CA PHE D 115 -1.01 0.87 20.76
C PHE D 115 -1.45 -0.21 21.72
N GLU D 116 -0.71 -1.31 21.74
CA GLU D 116 -1.04 -2.44 22.60
C GLU D 116 0.04 -2.60 23.66
N THR D 117 -0.33 -3.17 24.80
CA THR D 117 0.63 -3.39 25.87
C THR D 117 1.57 -4.54 25.53
N THR D 118 2.73 -4.52 26.18
CA THR D 118 3.73 -5.56 26.03
C THR D 118 4.16 -6.05 27.40
N PHE D 119 4.88 -7.16 27.43
CA PHE D 119 5.36 -7.76 28.67
C PHE D 119 6.78 -7.34 29.01
N ALA D 120 7.06 -7.19 30.31
CA ALA D 120 8.42 -7.04 30.79
C ALA D 120 8.56 -7.76 32.13
N VAL D 121 9.77 -8.15 32.45
CA VAL D 121 10.03 -8.87 33.71
C VAL D 121 10.75 -7.98 34.71
N LYS D 122 10.20 -7.95 35.92
CA LYS D 122 10.84 -7.31 37.06
C LYS D 122 10.82 -8.28 38.24
N ASN D 123 12.00 -8.53 38.82
CA ASN D 123 12.12 -9.45 39.95
C ASN D 123 11.50 -10.81 39.62
N GLY D 124 11.69 -11.24 38.37
CA GLY D 124 11.20 -12.53 37.93
C GLY D 124 9.72 -12.52 37.63
N ASN D 125 9.05 -11.41 37.90
CA ASN D 125 7.62 -11.31 37.66
C ASN D 125 7.34 -10.61 36.36
N ARG D 126 6.64 -11.31 35.49
CA ARG D 126 6.22 -10.76 34.21
C ARG D 126 4.94 -9.95 34.40
N ALA D 127 4.94 -8.71 33.93
CA ALA D 127 3.73 -7.91 33.94
C ALA D 127 3.73 -6.93 32.77
N ALA D 128 2.59 -6.30 32.55
CA ALA D 128 2.47 -5.31 31.49
C ALA D 128 3.46 -4.16 31.72
N SER D 129 4.17 -3.78 30.66
CA SER D 129 5.08 -2.64 30.71
C SER D 129 4.30 -1.34 30.78
N GLU D 130 4.81 -0.38 31.55
CA GLU D 130 4.25 0.97 31.56
C GLU D 130 5.01 1.89 30.61
N LEU D 131 6.00 1.33 29.91
CA LEU D 131 6.91 2.14 29.08
C LEU D 131 6.94 1.72 27.61
N VAL D 132 6.83 0.42 27.35
CA VAL D 132 6.99 -0.12 25.99
C VAL D 132 5.65 -0.56 25.44
N PHE D 133 5.33 -0.04 24.26
CA PHE D 133 4.07 -0.36 23.60
C PHE D 133 4.30 -0.82 22.18
N LYS D 134 3.34 -1.58 21.67
CA LYS D 134 3.37 -2.09 20.31
C LYS D 134 2.38 -1.32 19.44
N LYS D 135 2.85 -0.75 18.34
N LYS D 135 2.86 -0.75 18.34
CA LYS D 135 1.97 -0.06 17.41
CA LYS D 135 1.98 -0.08 17.40
C LYS D 135 1.16 -1.09 16.64
C LYS D 135 1.16 -1.12 16.67
N SER D 136 -0.16 -0.95 16.70
CA SER D 136 -1.06 -1.90 16.05
C SER D 136 -1.61 -1.36 14.73
N ARG D 137 -1.64 -2.23 13.73
CA ARG D 137 -2.19 -1.93 12.42
C ARG D 137 -3.53 -2.65 12.25
N ASN D 138 -4.13 -3.06 13.37
CA ASN D 138 -5.44 -3.69 13.33
C ASN D 138 -6.54 -2.65 13.58
N GLU D 139 -7.61 -3.03 14.26
CA GLU D 139 -8.77 -2.15 14.34
C GLU D 139 -8.47 -0.91 15.19
N TYR D 140 -9.22 0.14 14.94
CA TYR D 140 -8.98 1.43 15.60
C TYR D 140 -10.28 2.22 15.73
N ALA D 141 -10.36 3.03 16.77
CA ALA D 141 -11.52 3.87 17.01
C ALA D 141 -11.51 5.07 16.07
N THR D 142 -12.70 5.58 15.78
CA THR D 142 -12.85 6.76 14.95
C THR D 142 -13.84 7.71 15.59
N ALA D 143 -13.77 8.97 15.19
CA ALA D 143 -14.73 9.97 15.63
C ALA D 143 -14.92 11.00 14.54
N TYR D 144 -16.14 11.52 14.45
CA TYR D 144 -16.51 12.53 13.47
C TYR D 144 -17.32 13.63 14.14
N LEU D 145 -17.05 14.88 13.77
CA LEU D 145 -17.77 16.01 14.30
C LEU D 145 -17.87 17.14 13.28
N ASN D 146 -19.06 17.70 13.16
N ASN D 146 -19.07 17.70 13.16
CA ASN D 146 -19.32 18.86 12.33
CA ASN D 146 -19.36 18.90 12.36
C ASN D 146 -19.93 19.96 13.20
C ASN D 146 -19.88 19.97 13.29
N MET D 147 -19.38 21.18 13.15
CA MET D 147 -19.89 22.26 13.98
C MET D 147 -20.04 23.50 13.11
N VAL D 148 -21.14 24.23 13.32
CA VAL D 148 -21.47 25.40 12.51
C VAL D 148 -21.73 26.62 13.40
N ARG D 149 -21.41 27.79 12.86
CA ARG D 149 -21.75 29.06 13.49
C ARG D 149 -23.11 29.54 12.96
N ASN D 150 -24.08 29.70 13.85
CA ASN D 150 -25.39 30.20 13.47
C ASN D 150 -25.38 31.71 13.23
N GLU D 151 -26.46 32.22 12.66
CA GLU D 151 -26.55 33.65 12.37
C GLU D 151 -26.56 34.50 13.65
N ASP D 152 -26.95 33.90 14.78
CA ASP D 152 -26.93 34.62 16.07
C ASP D 152 -25.61 34.40 16.80
N ASN D 153 -24.64 33.84 16.08
CA ASN D 153 -23.27 33.62 16.55
C ASN D 153 -23.13 32.50 17.59
N THR D 154 -24.20 31.75 17.84
CA THR D 154 -24.07 30.55 18.65
C THR D 154 -23.44 29.44 17.82
N LEU D 155 -22.76 28.51 18.51
CA LEU D 155 -22.12 27.37 17.86
C LEU D 155 -22.97 26.13 18.09
N ASN D 156 -23.08 25.30 17.06
CA ASN D 156 -23.93 24.13 17.13
C ASN D 156 -23.29 22.92 16.48
N ILE D 157 -23.30 21.80 17.20
CA ILE D 157 -22.86 20.55 16.63
C ILE D 157 -23.98 20.00 15.77
N THR D 158 -23.73 19.88 14.46
CA THR D 158 -24.78 19.48 13.53
C THR D 158 -24.72 18.00 13.22
N GLU D 159 -23.56 17.39 13.46
CA GLU D 159 -23.40 15.94 13.26
C GLU D 159 -22.30 15.42 14.16
N GLN D 160 -22.54 14.25 14.75
CA GLN D 160 -21.52 13.57 15.53
C GLN D 160 -21.66 12.08 15.32
N GLN D 161 -20.53 11.41 15.19
CA GLN D 161 -20.55 9.97 14.99
C GLN D 161 -19.25 9.38 15.50
N SER D 162 -19.37 8.23 16.16
CA SER D 162 -18.21 7.49 16.64
C SER D 162 -18.16 6.17 15.91
N GLY D 163 -16.99 5.54 15.92
CA GLY D 163 -16.86 4.30 15.20
C GLY D 163 -15.70 3.42 15.56
N LEU D 164 -15.73 2.24 14.94
CA LEU D 164 -14.67 1.25 15.02
C LEU D 164 -14.38 0.82 13.58
N ALA D 165 -13.13 0.94 13.16
CA ALA D 165 -12.74 0.62 11.80
C ALA D 165 -11.68 -0.49 11.78
N GLY D 166 -11.67 -1.29 10.71
CA GLY D 166 -10.56 -2.19 10.46
C GLY D 166 -10.65 -3.49 11.24
N LEU D 167 -11.85 -3.86 11.66
CA LEU D 167 -12.05 -5.12 12.37
C LEU D 167 -12.20 -6.25 11.34
N GLN D 168 -11.33 -7.26 11.44
CA GLN D 168 -11.30 -8.35 10.48
C GLN D 168 -11.48 -9.65 11.26
N LEU D 169 -12.64 -10.28 11.08
CA LEU D 169 -13.02 -11.47 11.85
C LEU D 169 -13.35 -12.66 10.94
N ILE D 170 -12.80 -13.81 11.27
CA ILE D 170 -13.10 -15.05 10.56
C ILE D 170 -13.66 -16.07 11.55
N LYS D 171 -14.79 -16.68 11.19
CA LYS D 171 -15.37 -17.76 11.98
C LYS D 171 -15.24 -19.06 11.17
N VAL D 172 -14.55 -20.06 11.71
CA VAL D 172 -14.11 -21.18 10.90
C VAL D 172 -15.24 -22.13 10.51
N SER D 173 -16.34 -22.12 11.27
CA SER D 173 -17.50 -22.98 10.98
C SER D 173 -18.76 -22.34 11.57
N GLY D 174 -19.94 -22.91 11.26
CA GLY D 174 -21.17 -22.37 11.81
C GLY D 174 -21.67 -21.16 11.03
N ASN D 175 -21.51 -21.22 9.71
CA ASN D 175 -21.93 -20.16 8.79
C ASN D 175 -22.46 -20.81 7.54
N SER D 176 -23.61 -20.36 7.06
CA SER D 176 -24.11 -20.85 5.78
C SER D 176 -24.51 -19.69 4.88
N PHE D 177 -24.54 -19.99 3.60
CA PHE D 177 -25.14 -19.10 2.63
C PHE D 177 -25.81 -19.93 1.56
N VAL D 178 -27.13 -20.06 1.71
CA VAL D 178 -27.95 -20.91 0.86
C VAL D 178 -29.23 -20.19 0.54
N GLY D 179 -29.92 -20.62 -0.51
CA GLY D 179 -31.26 -20.15 -0.79
C GLY D 179 -31.34 -18.86 -1.59
N PHE D 180 -30.19 -18.36 -2.05
CA PHE D 180 -30.15 -17.17 -2.88
C PHE D 180 -30.61 -17.47 -4.30
N ILE D 181 -30.82 -16.42 -5.08
CA ILE D 181 -31.34 -16.56 -6.44
C ILE D 181 -30.39 -17.35 -7.33
N ARG D 182 -30.94 -18.34 -8.02
CA ARG D 182 -30.20 -19.11 -9.01
C ARG D 182 -30.83 -18.89 -10.38
N ASP D 183 -30.15 -18.12 -11.21
CA ASP D 183 -30.60 -17.88 -12.57
C ASP D 183 -29.39 -17.94 -13.50
N GLU D 184 -29.52 -17.37 -14.70
CA GLU D 184 -28.47 -17.49 -15.72
C GLU D 184 -27.14 -16.88 -15.30
N TYR D 185 -27.14 -16.03 -14.27
CA TYR D 185 -25.93 -15.36 -13.82
C TYR D 185 -25.32 -16.01 -12.60
N THR D 186 -25.97 -17.06 -12.09
CA THR D 186 -25.53 -17.67 -10.84
C THR D 186 -24.63 -18.88 -11.09
N THR D 187 -23.40 -18.77 -10.59
CA THR D 187 -22.44 -19.88 -10.60
C THR D 187 -22.02 -20.28 -9.18
N LEU D 188 -22.34 -19.45 -8.20
CA LEU D 188 -21.93 -19.69 -6.82
C LEU D 188 -22.62 -20.91 -6.22
N PRO D 189 -21.84 -21.92 -5.79
CA PRO D 189 -22.53 -23.03 -5.13
C PRO D 189 -23.04 -22.65 -3.74
N GLU D 190 -24.16 -23.25 -3.34
CA GLU D 190 -24.64 -23.13 -1.98
C GLU D 190 -23.62 -23.74 -1.03
N ASP D 191 -23.45 -23.11 0.15
CA ASP D 191 -22.48 -23.58 1.13
C ASP D 191 -23.13 -23.63 2.51
N SER D 192 -23.30 -24.84 3.03
CA SER D 192 -23.92 -25.02 4.33
C SER D 192 -22.94 -24.80 5.48
N ASN D 193 -21.64 -24.73 5.19
CA ASN D 193 -20.63 -24.56 6.21
C ASN D 193 -19.36 -23.90 5.65
N ARG D 194 -19.34 -22.57 5.68
CA ARG D 194 -18.21 -21.81 5.15
C ARG D 194 -17.47 -21.11 6.28
N PRO D 195 -16.16 -20.83 6.08
CA PRO D 195 -15.40 -20.07 7.08
C PRO D 195 -15.49 -18.56 6.83
N LEU D 196 -16.65 -18.00 7.16
CA LEU D 196 -16.96 -16.62 6.85
C LEU D 196 -15.92 -15.65 7.41
N PHE D 197 -15.35 -14.84 6.50
CA PHE D 197 -14.34 -13.85 6.83
C PHE D 197 -14.91 -12.49 6.48
N VAL D 198 -15.20 -11.67 7.50
CA VAL D 198 -15.77 -10.35 7.27
C VAL D 198 -14.86 -9.24 7.77
N TYR D 199 -14.81 -8.16 6.99
CA TYR D 199 -14.26 -6.90 7.45
C TYR D 199 -15.41 -6.09 7.97
N LEU D 200 -15.27 -5.48 9.14
CA LEU D 200 -16.33 -4.67 9.70
C LEU D 200 -15.87 -3.25 10.03
N ASN D 201 -16.69 -2.29 9.60
CA ASN D 201 -16.59 -0.90 10.05
C ASN D 201 -17.92 -0.58 10.71
N ILE D 202 -17.90 -0.20 11.98
CA ILE D 202 -19.12 -0.01 12.74
C ILE D 202 -19.15 1.41 13.28
N LYS D 203 -20.25 2.13 13.04
CA LYS D 203 -20.36 3.51 13.49
C LYS D 203 -21.66 3.71 14.27
N TRP D 204 -21.61 4.48 15.35
CA TRP D 204 -22.79 4.74 16.18
C TRP D 204 -23.00 6.23 16.41
N LYS D 205 -24.25 6.58 16.61
CA LYS D 205 -24.64 7.93 17.00
C LYS D 205 -25.38 7.86 18.32
N TYR D 206 -25.10 8.85 19.17
CA TYR D 206 -25.75 9.00 20.46
C TYR D 206 -27.05 9.78 20.38
N LYS D 207 -28.02 9.44 21.24
CA LYS D 207 -29.20 10.26 21.38
C LYS D 207 -28.84 11.68 21.81
N ASN D 208 -27.89 11.79 22.73
CA ASN D 208 -27.43 13.07 23.25
C ASN D 208 -25.93 13.21 23.00
N THR D 209 -25.53 14.17 22.16
CA THR D 209 -24.14 14.27 21.71
C THR D 209 -23.16 14.49 22.86
N GLU D 210 -23.64 15.03 23.98
CA GLU D 210 -22.80 15.27 25.14
C GLU D 210 -22.26 13.96 25.73
N ASP D 211 -22.98 12.87 25.51
CA ASP D 211 -22.56 11.57 26.02
C ASP D 211 -21.30 11.07 25.31
N SER D 212 -21.03 11.59 24.12
CA SER D 212 -19.89 11.13 23.34
C SER D 212 -18.57 11.64 23.91
N PHE D 213 -18.62 12.69 24.73
CA PHE D 213 -17.39 13.39 25.13
C PHE D 213 -16.66 12.63 26.23
N GLY D 214 -17.39 11.80 26.97
CA GLY D 214 -16.78 11.00 28.02
C GLY D 214 -16.68 11.71 29.36
N THR D 215 -17.19 12.94 29.44
CA THR D 215 -17.12 13.70 30.67
C THR D 215 -17.96 13.03 31.78
N ASN D 216 -19.00 12.31 31.36
CA ASN D 216 -19.70 11.36 32.22
C ASN D 216 -19.45 9.95 31.68
N PRO D 217 -18.38 9.29 32.16
CA PRO D 217 -17.94 8.04 31.51
C PRO D 217 -18.96 6.91 31.53
N GLU D 218 -19.92 6.95 32.45
CA GLU D 218 -20.94 5.93 32.52
C GLU D 218 -21.77 5.87 31.23
N ASN D 219 -21.85 7.00 30.51
CA ASN D 219 -22.63 7.09 29.29
C ASN D 219 -21.81 6.90 28.01
N TYR D 220 -20.49 6.84 28.15
CA TYR D 220 -19.60 6.69 27.01
C TYR D 220 -19.61 5.26 26.47
N VAL D 221 -19.69 5.13 25.15
CA VAL D 221 -19.61 3.84 24.49
C VAL D 221 -18.23 3.68 23.86
N ALA D 222 -17.44 2.74 24.37
CA ALA D 222 -16.08 2.55 23.89
C ALA D 222 -16.04 1.61 22.71
N ALA D 223 -15.22 1.95 21.71
CA ALA D 223 -15.00 1.09 20.56
C ALA D 223 -14.60 -0.33 20.97
N GLU D 224 -13.86 -0.44 22.07
CA GLU D 224 -13.42 -1.74 22.58
C GLU D 224 -14.60 -2.64 22.95
N GLN D 225 -15.64 -2.03 23.51
CA GLN D 225 -16.84 -2.77 23.88
C GLN D 225 -17.63 -3.21 22.67
N ILE D 226 -17.68 -2.35 21.67
CA ILE D 226 -18.33 -2.67 20.40
C ILE D 226 -17.62 -3.84 19.72
N ARG D 227 -16.29 -3.81 19.74
CA ARG D 227 -15.49 -4.92 19.22
C ARG D 227 -15.88 -6.25 19.88
N ASP D 228 -15.91 -6.25 21.20
CA ASP D 228 -16.20 -7.47 21.95
C ASP D 228 -17.65 -7.92 21.75
N ILE D 229 -18.57 -6.99 21.54
CA ILE D 229 -19.93 -7.38 21.20
C ILE D 229 -19.96 -8.07 19.82
N ALA D 230 -19.27 -7.50 18.83
CA ALA D 230 -19.25 -8.10 17.51
C ALA D 230 -18.70 -9.53 17.53
N THR D 231 -17.61 -9.76 18.25
CA THR D 231 -17.04 -11.11 18.27
C THR D 231 -17.95 -12.08 19.02
N SER D 232 -18.58 -11.63 20.11
CA SER D 232 -19.49 -12.49 20.86
C SER D 232 -20.70 -12.89 20.01
N VAL D 233 -21.30 -11.93 19.32
CA VAL D 233 -22.47 -12.23 18.52
C VAL D 233 -22.12 -13.15 17.35
N PHE D 234 -20.98 -12.91 16.73
CA PHE D 234 -20.51 -13.75 15.62
C PHE D 234 -20.38 -15.18 16.12
N HIS D 235 -19.74 -15.35 17.27
CA HIS D 235 -19.56 -16.65 17.87
C HIS D 235 -20.89 -17.37 18.12
N GLU D 236 -21.85 -16.63 18.67
CA GLU D 236 -23.13 -17.19 19.13
C GLU D 236 -24.06 -17.58 17.98
N THR D 237 -23.88 -16.93 16.85
CA THR D 237 -24.85 -17.00 15.75
C THR D 237 -24.49 -18.03 14.70
N GLU D 238 -25.44 -18.88 14.35
CA GLU D 238 -25.34 -19.66 13.13
C GLU D 238 -25.72 -18.72 11.99
N THR D 239 -24.71 -18.10 11.37
CA THR D 239 -25.00 -17.03 10.43
C THR D 239 -25.61 -17.59 9.15
N LEU D 240 -26.49 -16.80 8.55
CA LEU D 240 -27.18 -17.18 7.33
C LEU D 240 -26.72 -16.33 6.15
N SER D 241 -26.00 -15.27 6.47
CA SER D 241 -25.43 -14.31 5.52
C SER D 241 -24.71 -13.26 6.35
N ILE D 242 -23.91 -12.41 5.71
CA ILE D 242 -23.30 -11.29 6.42
C ILE D 242 -24.41 -10.31 6.82
N GLN D 243 -25.38 -10.13 5.93
CA GLN D 243 -26.56 -9.30 6.18
C GLN D 243 -27.22 -9.68 7.51
N HIS D 244 -27.42 -10.98 7.69
CA HIS D 244 -28.04 -11.56 8.87
C HIS D 244 -27.21 -11.23 10.12
N LEU D 245 -25.91 -11.42 9.99
CA LEU D 245 -24.98 -11.21 11.09
C LEU D 245 -24.94 -9.76 11.55
N ILE D 246 -24.83 -8.82 10.63
CA ILE D 246 -24.63 -7.44 11.06
C ILE D 246 -25.93 -6.88 11.68
N TYR D 247 -27.09 -7.35 11.22
CA TYR D 247 -28.33 -6.95 11.88
C TYR D 247 -28.32 -7.39 13.34
N LEU D 248 -27.90 -8.62 13.59
CA LEU D 248 -27.90 -9.14 14.96
C LEU D 248 -26.84 -8.44 15.81
N ILE D 249 -25.69 -8.12 15.23
CA ILE D 249 -24.69 -7.37 15.98
C ILE D 249 -25.26 -6.01 16.36
N GLY D 250 -25.93 -5.37 15.41
CA GLY D 250 -26.54 -4.08 15.66
C GLY D 250 -27.60 -4.10 16.75
N ARG D 251 -28.46 -5.10 16.72
CA ARG D 251 -29.48 -5.24 17.74
C ARG D 251 -28.84 -5.37 19.13
N ARG D 252 -27.76 -6.15 19.23
CA ARG D 252 -27.14 -6.38 20.54
C ARG D 252 -26.49 -5.10 21.03
N ILE D 253 -25.87 -4.34 20.13
CA ILE D 253 -25.27 -3.07 20.50
C ILE D 253 -26.31 -2.11 21.08
N LEU D 254 -27.44 -1.99 20.39
CA LEU D 254 -28.50 -1.09 20.84
C LEU D 254 -29.15 -1.56 22.15
N GLU D 255 -29.19 -2.88 22.37
CA GLU D 255 -29.68 -3.43 23.63
C GLU D 255 -28.76 -3.10 24.81
N ARG D 256 -27.45 -3.21 24.58
CA ARG D 256 -26.45 -2.97 25.62
C ARG D 256 -26.29 -1.49 25.92
N PHE D 257 -26.53 -0.65 24.91
CA PHE D 257 -26.33 0.78 25.03
C PHE D 257 -27.59 1.57 24.66
N PRO D 258 -28.55 1.67 25.59
CA PRO D 258 -29.80 2.39 25.30
C PRO D 258 -29.60 3.87 24.99
N GLN D 259 -28.44 4.42 25.31
CA GLN D 259 -28.17 5.84 25.03
C GLN D 259 -27.83 6.08 23.57
N LEU D 260 -27.68 5.02 22.79
CA LEU D 260 -27.38 5.13 21.36
C LEU D 260 -28.66 5.21 20.54
N GLN D 261 -28.61 5.97 19.46
CA GLN D 261 -29.76 6.17 18.58
C GLN D 261 -29.71 5.25 17.38
N GLU D 262 -28.51 4.98 16.88
CA GLU D 262 -28.34 4.14 15.71
C GLU D 262 -26.96 3.51 15.64
N VAL D 263 -26.86 2.41 14.91
CA VAL D 263 -25.59 1.79 14.58
C VAL D 263 -25.59 1.56 13.08
N TYR D 264 -24.47 1.89 12.44
CA TYR D 264 -24.34 1.78 10.99
C TYR D 264 -23.17 0.87 10.67
N PHE D 265 -23.42 -0.10 9.79
CA PHE D 265 -22.43 -1.10 9.40
C PHE D 265 -21.97 -0.94 7.96
N GLU D 266 -20.67 -1.07 7.75
CA GLU D 266 -20.11 -1.29 6.43
C GLU D 266 -19.27 -2.55 6.53
N SER D 267 -19.73 -3.62 5.90
CA SER D 267 -19.02 -4.89 5.94
C SER D 267 -18.54 -5.30 4.57
N GLN D 268 -17.48 -6.11 4.54
CA GLN D 268 -16.98 -6.70 3.31
C GLN D 268 -16.76 -8.19 3.49
N ASN D 269 -17.01 -8.94 2.43
CA ASN D 269 -16.80 -10.38 2.43
C ASN D 269 -15.46 -10.74 1.80
N HIS D 270 -14.59 -11.40 2.57
CA HIS D 270 -13.28 -11.85 2.08
C HIS D 270 -13.04 -13.34 2.32
N THR D 271 -14.13 -14.09 2.34
CA THR D 271 -14.07 -15.51 2.62
C THR D 271 -13.18 -16.26 1.62
N TRP D 272 -12.35 -17.15 2.15
CA TRP D 272 -11.42 -17.93 1.34
C TRP D 272 -12.13 -18.98 0.48
N ASP D 273 -11.49 -19.34 -0.63
CA ASP D 273 -11.92 -20.46 -1.47
C ASP D 273 -11.35 -21.77 -0.91
N LYS D 274 -12.17 -22.82 -0.88
CA LYS D 274 -11.73 -24.14 -0.45
C LYS D 274 -10.98 -24.82 -1.61
N ILE D 275 -9.90 -25.52 -1.32
CA ILE D 275 -9.16 -26.22 -2.38
C ILE D 275 -9.81 -27.57 -2.66
N LYS D 285 -8.65 -29.68 6.25
CA LYS D 285 -9.24 -28.76 5.27
C LYS D 285 -8.29 -27.60 4.98
N VAL D 286 -8.16 -27.26 3.70
CA VAL D 286 -7.29 -26.17 3.27
C VAL D 286 -8.02 -25.16 2.35
N TYR D 287 -7.80 -23.87 2.63
CA TYR D 287 -8.39 -22.77 1.88
C TYR D 287 -7.32 -21.87 1.31
N THR D 288 -7.70 -21.05 0.34
CA THR D 288 -6.78 -20.06 -0.23
C THR D 288 -7.47 -18.75 -0.56
N GLU D 289 -6.69 -17.72 -0.87
CA GLU D 289 -7.25 -16.40 -1.13
C GLU D 289 -8.09 -16.41 -2.41
N PRO D 290 -9.22 -15.69 -2.39
CA PRO D 290 -10.09 -15.55 -3.56
C PRO D 290 -9.54 -14.55 -4.57
N ARG D 291 -10.20 -14.45 -5.71
CA ARG D 291 -9.89 -13.37 -6.65
C ARG D 291 -10.29 -12.05 -6.00
N PRO D 292 -9.82 -10.91 -6.55
CA PRO D 292 -10.03 -9.62 -5.87
C PRO D 292 -11.47 -9.16 -5.58
N PRO D 293 -12.45 -9.47 -6.44
CA PRO D 293 -13.76 -8.88 -6.16
C PRO D 293 -14.30 -9.26 -4.77
N TYR D 294 -14.86 -8.28 -4.06
CA TYR D 294 -15.36 -8.52 -2.71
C TYR D 294 -16.79 -8.03 -2.58
N GLY D 295 -17.62 -8.81 -1.88
CA GLY D 295 -18.96 -8.38 -1.59
C GLY D 295 -18.95 -7.39 -0.45
N PHE D 296 -19.95 -6.52 -0.40
CA PHE D 296 -20.08 -5.62 0.72
C PHE D 296 -21.52 -5.38 1.05
N GLN D 297 -21.75 -4.99 2.31
CA GLN D 297 -23.09 -4.71 2.80
C GLN D 297 -23.06 -3.44 3.63
N CYS D 298 -24.15 -2.69 3.59
CA CYS D 298 -24.29 -1.44 4.33
C CYS D 298 -25.68 -1.43 4.96
N PHE D 299 -25.76 -1.22 6.27
CA PHE D 299 -27.05 -1.29 6.96
C PHE D 299 -27.05 -0.45 8.23
N THR D 300 -28.16 0.25 8.46
CA THR D 300 -28.36 1.00 9.69
C THR D 300 -29.41 0.33 10.56
N VAL D 301 -29.08 0.12 11.83
CA VAL D 301 -30.06 -0.33 12.82
C VAL D 301 -30.39 0.86 13.71
N THR D 302 -31.67 1.09 13.95
CA THR D 302 -32.08 2.23 14.78
C THR D 302 -32.72 1.79 16.10
N GLN D 303 -32.51 2.58 17.14
CA GLN D 303 -32.94 2.24 18.50
C GLN D 303 -34.45 2.20 18.61
N1 AZA E . 21.17 5.29 15.90
C2 AZA E . 20.14 5.72 16.68
O2 AZA E . 19.67 5.04 17.56
N3 AZA E . 19.61 6.95 16.46
C4 AZA E . 20.08 7.76 15.49
C5 AZA E . 21.10 7.35 14.74
C6 AZA E . 21.66 6.09 14.94
O6 AZA E . 22.59 5.67 14.26
N7 AZA E . 21.37 8.34 13.86
N8 AZA E . 20.52 9.36 14.07
N9 AZA E . 19.71 9.01 15.09
HN1 AZA E . 21.53 4.47 16.04
HN3 AZA E . 18.91 7.23 16.98
HN9 AZA E . 19.04 9.53 15.46
CL CL F . 18.62 5.92 13.07
S SO4 G . 11.86 21.52 10.53
O1 SO4 G . 12.67 20.89 9.48
O2 SO4 G . 11.90 20.69 11.72
O3 SO4 G . 12.42 22.83 10.84
O4 SO4 G . 10.47 21.69 10.10
N1 AZA H . 6.04 -19.91 -17.30
C2 AZA H . 5.09 -19.25 -17.98
O2 AZA H . 5.38 -18.46 -18.85
N3 AZA H . 3.78 -19.45 -17.68
C4 AZA H . 3.44 -20.33 -16.69
C5 AZA H . 4.40 -21.00 -16.02
C6 AZA H . 5.73 -20.78 -16.33
O6 AZA H . 6.62 -21.37 -15.74
N7 AZA H . 3.78 -21.79 -15.10
N8 AZA H . 2.44 -21.62 -15.21
N9 AZA H . 2.23 -20.70 -16.19
HN1 AZA H . 6.92 -19.78 -17.51
HN3 AZA H . 3.13 -19.00 -18.12
HN9 AZA H . 1.41 -20.41 -16.48
CL CL I . 4.40 -18.26 -14.27
N1 AZA J . -3.19 26.95 -0.14
C2 AZA J . -1.99 26.78 -0.76
O2 AZA J . -1.94 26.82 -1.99
N3 AZA J . -0.87 26.59 -0.04
C4 AZA J . -0.91 26.55 1.33
C5 AZA J . -2.10 26.71 1.95
C6 AZA J . -3.25 26.91 1.21
O6 AZA J . -4.33 27.04 1.74
N7 AZA J . -1.86 26.63 3.29
N8 AZA J . -0.54 26.40 3.49
N9 AZA J . 0.05 26.35 2.27
HN1 AZA J . -3.95 27.08 -0.62
HN3 AZA J . -0.07 26.48 -0.46
HN9 AZA J . 0.94 26.23 2.11
CL CL K . -2.34 23.52 1.28
S SO4 L . -11.88 -21.39 -10.68
O1 SO4 L . -10.49 -21.61 -10.30
O2 SO4 L . -12.49 -22.68 -11.00
O3 SO4 L . -12.62 -20.78 -9.57
O4 SO4 L . -11.97 -20.51 -11.83
N1 AZA M . -24.08 -12.25 1.47
C2 AZA M . -23.25 -13.22 1.98
O2 AZA M . -23.15 -13.38 3.19
N3 AZA M . -22.53 -13.99 1.15
C4 AZA M . -22.59 -13.83 -0.20
C5 AZA M . -23.40 -12.88 -0.71
C6 AZA M . -24.15 -12.08 0.13
O6 AZA M . -24.89 -11.21 -0.29
N7 AZA M . -23.27 -12.95 -2.06
N8 AZA M . -22.39 -13.91 -2.39
N9 AZA M . -21.96 -14.47 -1.23
HN1 AZA M . -24.56 -11.72 2.02
HN3 AZA M . -21.97 -14.62 1.49
HN9 AZA M . -21.37 -15.15 -1.14
CL CL N . -20.79 -10.99 -0.19
#